data_4ALL
#
_entry.id   4ALL
#
_cell.length_a   83.520
_cell.length_b   111.910
_cell.length_c   111.640
_cell.angle_alpha   90.00
_cell.angle_beta   90.00
_cell.angle_gamma   90.00
#
_symmetry.space_group_name_H-M   'P 21 21 21'
#
loop_
_entity.id
_entity.type
_entity.pdbx_description
1 polymer 'ENOYL-[ACYL-CARRIER-PROTEIN] REDUCTASE [NADPH]'
2 non-polymer TRICLOSAN
3 non-polymer 'NADP NICOTINAMIDE-ADENINE-DINUCLEOTIDE PHOSPHATE'
4 water water
#
_entity_poly.entity_id   1
_entity_poly.type   'polypeptide(L)'
_entity_poly.pdbx_seq_one_letter_code
;MGHHHHHHHHHHSSGHIEGRHMLNLENKTYVIMGIANKRSIAFGVAKVLDQLGAKLVFTYRKERSRKELEKLLEQLNQPE
AHLYQIDVQSDEEVINGFEQIGKDVGNIDGVYHSIAFANMEDLRGRFSETSREGFLLAQDISSYSLTIVAHEAKKLMPEG
GSIVATTYLGGEFAVQNYNVMGVAKASLEANVKYLALDLGPDNIRVNAISAGPIRTLSAKGVGGFNTILKEIEERAPLKR
NVDQVEVGKTAAYLLSDLSSGVTGENIHVDSGFHAIK
;
_entity_poly.pdbx_strand_id   A,B,C,D
#
# COMPACT_ATOMS: atom_id res chain seq x y z
N MET A 22 18.65 -15.64 22.76
CA MET A 22 20.15 -15.55 22.79
C MET A 22 20.78 -16.41 23.93
N LEU A 23 21.18 -17.68 23.69
CA LEU A 23 21.02 -18.46 22.43
C LEU A 23 19.54 -18.62 22.04
N ASN A 24 19.21 -19.53 21.12
CA ASN A 24 17.93 -19.29 20.51
C ASN A 24 16.68 -20.10 20.95
N LEU A 25 16.51 -21.32 20.44
CA LEU A 25 15.16 -21.94 20.42
C LEU A 25 14.92 -23.30 21.08
N GLU A 26 15.86 -23.82 21.88
CA GLU A 26 15.61 -25.06 22.64
C GLU A 26 14.26 -25.04 23.35
N ASN A 27 13.64 -26.20 23.48
CA ASN A 27 12.40 -26.34 24.27
C ASN A 27 11.19 -25.55 23.79
N LYS A 28 11.32 -24.92 22.63
CA LYS A 28 10.16 -24.34 21.96
C LYS A 28 9.50 -25.44 21.10
N THR A 29 8.18 -25.38 20.97
CA THR A 29 7.46 -26.38 20.22
C THR A 29 6.60 -25.71 19.18
N TYR A 30 6.74 -26.15 17.93
CA TYR A 30 5.93 -25.58 16.83
C TYR A 30 5.25 -26.66 15.97
N VAL A 31 4.02 -26.39 15.58
CA VAL A 31 3.31 -27.23 14.62
C VAL A 31 3.58 -26.72 13.21
N ILE A 32 4.11 -27.60 12.37
CA ILE A 32 4.33 -27.27 10.97
C ILE A 32 3.29 -27.97 10.11
N MET A 33 2.60 -27.20 9.27
CA MET A 33 1.46 -27.70 8.50
C MET A 33 1.67 -27.54 7.01
N GLY A 34 1.65 -28.65 6.27
CA GLY A 34 1.68 -28.63 4.82
C GLY A 34 2.99 -29.04 4.16
N ILE A 35 3.65 -30.05 4.72
CA ILE A 35 4.77 -30.66 4.04
C ILE A 35 4.23 -31.81 3.21
N ALA A 36 4.50 -31.75 1.89
CA ALA A 36 4.13 -32.80 0.93
C ALA A 36 5.34 -33.65 0.51
N ASN A 37 6.51 -33.01 0.43
CA ASN A 37 7.79 -33.67 0.09
C ASN A 37 9.00 -32.78 0.44
N LYS A 38 10.19 -33.20 0.01
CA LYS A 38 11.43 -32.52 0.38
C LYS A 38 11.64 -31.15 -0.25
N ARG A 39 10.75 -30.78 -1.18
CA ARG A 39 10.81 -29.43 -1.80
C ARG A 39 9.77 -28.47 -1.25
N SER A 40 8.88 -28.95 -0.39
CA SER A 40 7.84 -28.12 0.19
C SER A 40 8.47 -27.02 0.99
N ILE A 41 7.92 -25.80 0.89
CA ILE A 41 8.42 -24.64 1.66
C ILE A 41 8.50 -24.98 3.17
N ALA A 42 7.45 -25.60 3.69
CA ALA A 42 7.33 -25.90 5.09
C ALA A 42 8.46 -26.80 5.56
N PHE A 43 9.13 -27.48 4.62
CA PHE A 43 10.31 -28.28 4.93
C PHE A 43 11.59 -27.44 5.01
N GLY A 44 11.61 -26.25 4.42
CA GLY A 44 12.72 -25.31 4.65
C GLY A 44 12.59 -24.77 6.08
N VAL A 45 11.37 -24.42 6.45
CA VAL A 45 11.07 -23.94 7.78
C VAL A 45 11.49 -25.03 8.77
N ALA A 46 10.98 -26.23 8.56
CA ALA A 46 11.30 -27.39 9.39
C ALA A 46 12.79 -27.55 9.60
N LYS A 47 13.57 -27.52 8.53
CA LYS A 47 15.02 -27.70 8.65
C LYS A 47 15.70 -26.61 9.49
N VAL A 48 15.28 -25.37 9.29
CA VAL A 48 15.84 -24.25 10.05
C VAL A 48 15.53 -24.40 11.54
N LEU A 49 14.26 -24.55 11.88
CA LEU A 49 13.83 -24.63 13.28
C LEU A 49 14.46 -25.82 13.97
N ASP A 50 14.51 -26.94 13.25
CA ASP A 50 15.12 -28.15 13.75
C ASP A 50 16.58 -27.89 14.07
N GLN A 51 17.24 -27.08 13.22
CA GLN A 51 18.64 -26.76 13.45
C GLN A 51 18.80 -25.88 14.67
N LEU A 52 17.81 -25.03 14.92
CA LEU A 52 17.85 -24.13 16.07
C LEU A 52 17.38 -24.82 17.33
N GLY A 53 17.17 -26.13 17.26
CA GLY A 53 16.97 -26.95 18.47
C GLY A 53 15.54 -27.07 18.98
N ALA A 54 14.58 -26.60 18.16
CA ALA A 54 13.15 -26.73 18.48
C ALA A 54 12.68 -28.17 18.41
N LYS A 55 11.55 -28.47 19.05
CA LYS A 55 10.85 -29.73 18.75
C LYS A 55 9.64 -29.46 17.87
N LEU A 56 9.32 -30.39 16.97
CA LEU A 56 8.31 -30.12 15.95
C LEU A 56 7.16 -31.10 15.93
N VAL A 57 6.06 -30.65 15.34
CA VAL A 57 4.86 -31.44 15.19
C VAL A 57 4.46 -31.23 13.75
N PHE A 58 4.19 -32.30 13.02
CA PHE A 58 3.88 -32.18 11.60
C PHE A 58 2.47 -32.64 11.30
N THR A 59 1.79 -31.88 10.44
CA THR A 59 0.47 -32.27 9.97
C THR A 59 0.43 -32.39 8.46
N TYR A 60 -0.28 -33.41 8.00
CA TYR A 60 -0.39 -33.76 6.57
C TYR A 60 -1.85 -33.95 6.15
N ARG A 61 -2.14 -33.85 4.84
CA ARG A 61 -3.49 -34.16 4.35
C ARG A 61 -3.70 -35.65 4.10
N LYS A 62 -2.77 -36.28 3.38
CA LYS A 62 -2.94 -37.65 2.83
C LYS A 62 -1.91 -38.66 3.33
N GLU A 63 -2.36 -39.90 3.54
CA GLU A 63 -1.47 -41.06 3.78
C GLU A 63 -0.42 -41.18 2.70
N ARG A 64 -0.86 -40.80 1.49
CA ARG A 64 -0.03 -40.73 0.29
C ARG A 64 1.22 -39.85 0.47
N SER A 65 1.29 -39.13 1.57
CA SER A 65 2.47 -38.39 1.88
C SER A 65 2.87 -38.62 3.34
N ARG A 66 2.32 -39.67 3.96
CA ARG A 66 2.64 -39.95 5.38
C ARG A 66 3.96 -40.66 5.48
N LYS A 67 4.05 -41.84 4.84
CA LYS A 67 5.30 -42.58 4.76
C LYS A 67 6.37 -41.74 4.04
N GLU A 68 5.92 -40.87 3.13
CA GLU A 68 6.78 -39.83 2.56
C GLU A 68 7.49 -39.06 3.67
N LEU A 69 6.69 -38.55 4.62
CA LEU A 69 7.18 -37.71 5.72
C LEU A 69 8.15 -38.39 6.65
N GLU A 70 7.83 -39.63 7.03
CA GLU A 70 8.69 -40.42 7.92
C GLU A 70 10.11 -40.52 7.38
N LYS A 71 10.22 -40.65 6.06
CA LYS A 71 11.51 -40.64 5.37
C LYS A 71 12.19 -39.29 5.54
N LEU A 72 11.46 -38.21 5.24
CA LEU A 72 12.00 -36.85 5.35
C LEU A 72 12.47 -36.54 6.77
N LEU A 73 11.78 -37.09 7.76
CA LEU A 73 12.12 -36.83 9.14
C LEU A 73 13.46 -37.45 9.59
N GLU A 74 13.89 -38.53 8.94
CA GLU A 74 15.22 -39.11 9.19
C GLU A 74 16.31 -38.05 9.02
N GLN A 75 16.03 -37.06 8.17
CA GLN A 75 16.98 -35.96 7.91
C GLN A 75 17.07 -34.97 9.06
N LEU A 76 16.01 -34.85 9.86
CA LEU A 76 15.97 -33.95 11.02
C LEU A 76 16.31 -34.69 12.30
N ASN A 77 16.50 -33.97 13.40
CA ASN A 77 16.84 -34.63 14.67
C ASN A 77 15.76 -34.42 15.70
N GLN A 78 14.57 -34.94 15.41
CA GLN A 78 13.56 -35.02 16.45
C GLN A 78 13.85 -36.25 17.32
N PRO A 79 13.64 -36.12 18.65
CA PRO A 79 13.90 -37.27 19.52
C PRO A 79 12.86 -38.36 19.27
N GLU A 80 11.67 -37.93 18.85
CA GLU A 80 10.64 -38.83 18.32
C GLU A 80 9.69 -38.14 17.33
N ALA A 81 8.91 -38.97 16.63
CA ALA A 81 8.01 -38.51 15.57
C ALA A 81 6.71 -37.92 16.11
N HIS A 82 6.27 -36.82 15.53
CA HIS A 82 4.96 -36.27 15.86
C HIS A 82 4.22 -35.91 14.56
N LEU A 83 3.34 -36.80 14.13
CA LEU A 83 2.65 -36.70 12.84
C LEU A 83 1.15 -36.86 12.99
N TYR A 84 0.42 -35.89 12.46
CA TYR A 84 -1.03 -35.82 12.64
C TYR A 84 -1.76 -35.48 11.34
N GLN A 85 -2.68 -36.37 10.97
CA GLN A 85 -3.47 -36.13 9.77
C GLN A 85 -4.48 -35.01 10.04
N ILE A 86 -4.39 -33.94 9.24
CA ILE A 86 -5.35 -32.86 9.32
C ILE A 86 -5.72 -32.32 7.92
N ASP A 87 -6.96 -32.61 7.51
CA ASP A 87 -7.57 -31.94 6.38
C ASP A 87 -8.37 -30.74 6.85
N VAL A 88 -7.91 -29.57 6.46
CA VAL A 88 -8.45 -28.31 6.94
C VAL A 88 -9.86 -28.00 6.46
N GLN A 89 -10.35 -28.79 5.53
CA GLN A 89 -11.72 -28.68 5.09
C GLN A 89 -12.67 -29.17 6.18
N SER A 90 -12.16 -29.97 7.12
CA SER A 90 -12.98 -30.60 8.15
C SER A 90 -12.80 -30.00 9.52
N ASP A 91 -13.82 -29.27 9.97
CA ASP A 91 -13.81 -28.67 11.28
C ASP A 91 -13.32 -29.71 12.28
N GLU A 92 -13.95 -30.89 12.27
CA GLU A 92 -13.64 -31.95 13.24
C GLU A 92 -12.17 -32.31 13.34
N GLU A 93 -11.52 -32.51 12.20
CA GLU A 93 -10.13 -32.95 12.17
C GLU A 93 -9.16 -31.90 12.73
N VAL A 94 -9.48 -30.63 12.50
CA VAL A 94 -8.69 -29.51 13.04
C VAL A 94 -8.81 -29.44 14.56
N ILE A 95 -10.03 -29.57 15.05
CA ILE A 95 -10.31 -29.61 16.49
C ILE A 95 -9.68 -30.83 17.21
N ASN A 96 -9.96 -32.03 16.71
CA ASN A 96 -9.41 -33.27 17.28
C ASN A 96 -7.90 -33.35 17.10
N GLY A 97 -7.40 -32.79 16.01
CA GLY A 97 -5.97 -32.77 15.70
C GLY A 97 -5.23 -31.99 16.78
N PHE A 98 -5.68 -30.75 17.01
CA PHE A 98 -5.06 -29.89 17.99
C PHE A 98 -5.31 -30.27 19.44
N GLU A 99 -6.45 -30.89 19.74
CA GLU A 99 -6.66 -31.46 21.04
C GLU A 99 -5.65 -32.59 21.27
N GLN A 100 -5.39 -33.39 20.21
CA GLN A 100 -4.43 -34.50 20.31
C GLN A 100 -3.01 -33.99 20.54
N ILE A 101 -2.61 -32.99 19.75
CA ILE A 101 -1.34 -32.30 20.01
C ILE A 101 -1.19 -31.88 21.48
N GLY A 102 -2.26 -31.34 22.05
CA GLY A 102 -2.28 -30.91 23.45
C GLY A 102 -1.92 -32.03 24.38
N LYS A 103 -2.67 -33.14 24.29
CA LYS A 103 -2.46 -34.29 25.16
C LYS A 103 -1.11 -34.94 24.92
N ASP A 104 -0.54 -34.74 23.74
CA ASP A 104 0.65 -35.47 23.32
C ASP A 104 1.97 -34.76 23.62
N VAL A 105 1.99 -33.44 23.49
CA VAL A 105 3.25 -32.72 23.63
C VAL A 105 3.17 -31.51 24.60
N GLY A 106 1.96 -31.22 25.07
CA GLY A 106 1.75 -30.10 25.97
C GLY A 106 1.56 -28.82 25.20
N ASN A 107 1.84 -27.70 25.83
CA ASN A 107 1.63 -26.42 25.17
C ASN A 107 2.66 -26.07 24.11
N ILE A 108 2.21 -25.34 23.10
CA ILE A 108 3.05 -24.97 21.97
C ILE A 108 3.37 -23.49 21.95
N ASP A 109 4.25 -23.09 21.05
CA ASP A 109 4.79 -21.75 21.01
C ASP A 109 4.49 -21.10 19.70
N GLY A 110 4.24 -21.90 18.68
CA GLY A 110 3.88 -21.35 17.37
C GLY A 110 3.22 -22.31 16.41
N VAL A 111 2.75 -21.78 15.30
CA VAL A 111 2.20 -22.57 14.21
C VAL A 111 2.64 -21.99 12.86
N TYR A 112 3.28 -22.81 12.03
CA TYR A 112 3.56 -22.43 10.65
C TYR A 112 2.54 -23.03 9.67
N HIS A 113 1.78 -22.16 9.02
CA HIS A 113 0.71 -22.55 8.14
C HIS A 113 1.26 -22.44 6.74
N SER A 114 1.24 -23.57 6.02
CA SER A 114 1.77 -23.60 4.65
C SER A 114 0.84 -24.36 3.67
N ILE A 115 -0.39 -23.89 3.56
CA ILE A 115 -1.43 -24.67 2.97
C ILE A 115 -2.23 -23.77 2.08
N ALA A 116 -2.48 -24.27 0.86
CA ALA A 116 -3.33 -23.63 -0.11
C ALA A 116 -3.72 -24.67 -1.14
N PHE A 117 -4.81 -24.42 -1.86
CA PHE A 117 -5.26 -25.28 -2.91
C PHE A 117 -6.32 -24.57 -3.73
N ALA A 118 -6.40 -24.94 -5.02
CA ALA A 118 -7.48 -24.53 -5.91
C ALA A 118 -7.60 -25.58 -7.01
N ASN A 119 -8.69 -25.56 -7.75
CA ASN A 119 -8.85 -26.46 -8.87
C ASN A 119 -7.96 -26.00 -10.02
N MET A 120 -7.24 -26.96 -10.56
CA MET A 120 -6.24 -26.75 -11.57
C MET A 120 -6.71 -25.95 -12.76
N GLU A 121 -7.97 -26.15 -13.17
CA GLU A 121 -8.53 -25.46 -14.35
C GLU A 121 -8.98 -24.05 -13.99
N ASP A 122 -8.99 -23.74 -12.71
CA ASP A 122 -9.21 -22.35 -12.30
C ASP A 122 -7.91 -21.54 -12.30
N LEU A 123 -6.78 -22.23 -12.11
CA LEU A 123 -5.46 -21.60 -12.20
C LEU A 123 -4.96 -21.36 -13.62
N ARG A 124 -5.88 -21.40 -14.59
CA ARG A 124 -5.59 -21.07 -15.99
C ARG A 124 -6.92 -20.57 -16.52
N GLY A 125 -6.96 -20.21 -17.81
CA GLY A 125 -8.18 -19.68 -18.41
C GLY A 125 -8.53 -18.30 -17.85
N ARG A 126 -9.51 -17.67 -18.47
CA ARG A 126 -10.05 -16.42 -17.98
C ARG A 126 -10.48 -16.56 -16.53
N PHE A 127 -10.03 -15.62 -15.69
CA PHE A 127 -10.43 -15.61 -14.30
C PHE A 127 -11.94 -15.43 -14.22
N SER A 128 -12.50 -14.66 -15.15
CA SER A 128 -13.93 -14.36 -15.12
C SER A 128 -14.77 -15.63 -15.33
N GLU A 129 -14.13 -16.66 -15.83
CA GLU A 129 -14.82 -17.90 -16.11
C GLU A 129 -14.88 -18.82 -14.90
N THR A 130 -14.21 -18.47 -13.80
CA THR A 130 -14.12 -19.40 -12.68
C THR A 130 -15.49 -19.66 -12.07
N SER A 131 -15.70 -20.92 -11.66
CA SER A 131 -16.93 -21.38 -11.00
C SER A 131 -17.00 -20.94 -9.55
N ARG A 132 -18.23 -20.84 -9.07
CA ARG A 132 -18.55 -20.54 -7.70
C ARG A 132 -17.82 -21.48 -6.73
N GLU A 133 -17.89 -22.77 -6.99
CA GLU A 133 -17.31 -23.75 -6.11
C GLU A 133 -15.80 -23.71 -6.13
N GLY A 134 -15.23 -23.36 -7.28
CA GLY A 134 -13.79 -23.21 -7.39
C GLY A 134 -13.35 -22.09 -6.48
N PHE A 135 -14.04 -20.95 -6.60
CA PHE A 135 -13.79 -19.78 -5.79
C PHE A 135 -13.85 -20.11 -4.29
N LEU A 136 -14.94 -20.74 -3.86
CA LEU A 136 -15.20 -20.99 -2.44
C LEU A 136 -14.25 -22.04 -1.89
N LEU A 137 -13.90 -23.00 -2.74
CA LEU A 137 -12.96 -24.03 -2.34
C LEU A 137 -11.59 -23.44 -2.02
N ALA A 138 -11.17 -22.49 -2.87
CA ALA A 138 -9.88 -21.84 -2.73
C ALA A 138 -9.82 -21.02 -1.46
N GLN A 139 -10.88 -20.25 -1.20
CA GLN A 139 -10.99 -19.44 0.02
C GLN A 139 -10.94 -20.39 1.21
N ASP A 140 -11.73 -21.43 1.14
CA ASP A 140 -11.87 -22.39 2.22
C ASP A 140 -10.52 -22.95 2.68
N ILE A 141 -9.66 -23.34 1.75
CA ILE A 141 -8.46 -24.05 2.18
C ILE A 141 -7.31 -23.09 2.40
N SER A 142 -7.18 -22.11 1.53
CA SER A 142 -6.03 -21.21 1.56
C SER A 142 -6.21 -20.03 2.50
N SER A 143 -7.46 -19.74 2.88
CA SER A 143 -7.71 -18.58 3.74
C SER A 143 -8.39 -18.96 5.05
N TYR A 144 -9.62 -19.42 5.00
CA TYR A 144 -10.35 -19.72 6.23
C TYR A 144 -9.63 -20.69 7.18
N SER A 145 -8.85 -21.61 6.63
CA SER A 145 -8.17 -22.61 7.42
C SER A 145 -7.30 -21.99 8.47
N LEU A 146 -6.63 -20.89 8.12
CA LEU A 146 -5.85 -20.15 9.11
C LEU A 146 -6.68 -19.82 10.34
N THR A 147 -7.94 -19.47 10.10
CA THR A 147 -8.80 -18.98 11.18
C THR A 147 -9.10 -20.05 12.21
N ILE A 148 -9.71 -21.19 11.83
CA ILE A 148 -9.94 -22.25 12.81
C ILE A 148 -8.62 -22.77 13.35
N VAL A 149 -7.60 -22.90 12.50
CA VAL A 149 -6.28 -23.31 13.00
C VAL A 149 -5.90 -22.39 14.15
N ALA A 150 -5.92 -21.09 13.92
CA ALA A 150 -5.60 -20.15 14.99
C ALA A 150 -6.48 -20.39 16.23
N HIS A 151 -7.80 -20.56 16.01
CA HIS A 151 -8.77 -20.65 17.10
C HIS A 151 -8.42 -21.80 18.02
N GLU A 152 -8.07 -22.93 17.42
CA GLU A 152 -7.76 -24.14 18.16
C GLU A 152 -6.37 -24.09 18.75
N ALA A 153 -5.44 -23.52 17.99
CA ALA A 153 -4.06 -23.37 18.44
C ALA A 153 -3.98 -22.50 19.71
N LYS A 154 -4.78 -21.43 19.72
CA LYS A 154 -4.94 -20.52 20.85
C LYS A 154 -5.12 -21.28 22.16
N LYS A 155 -5.82 -22.42 22.09
CA LYS A 155 -6.06 -23.27 23.27
C LYS A 155 -4.78 -23.88 23.81
N LEU A 156 -3.76 -23.96 22.96
CA LEU A 156 -2.48 -24.52 23.39
C LEU A 156 -1.40 -23.47 23.65
N MET A 157 -1.84 -22.23 23.80
CA MET A 157 -0.95 -21.05 23.93
C MET A 157 -1.40 -20.12 25.06
N PRO A 158 -1.25 -20.57 26.33
CA PRO A 158 -1.76 -19.82 27.47
C PRO A 158 -1.07 -18.45 27.65
N GLU A 159 0.26 -18.41 27.45
CA GLU A 159 1.06 -17.19 27.66
C GLU A 159 1.57 -16.61 26.35
N GLY A 160 0.77 -16.76 25.30
CA GLY A 160 1.08 -16.21 24.01
C GLY A 160 1.82 -17.14 23.07
N GLY A 161 2.16 -16.63 21.91
CA GLY A 161 2.87 -17.39 20.90
C GLY A 161 2.86 -16.62 19.59
N SER A 162 3.10 -17.33 18.51
CA SER A 162 3.28 -16.72 17.19
C SER A 162 2.79 -17.62 16.05
N ILE A 163 1.92 -17.08 15.21
CA ILE A 163 1.38 -17.80 14.03
C ILE A 163 1.87 -17.13 12.76
N VAL A 164 2.36 -17.93 11.81
CA VAL A 164 2.84 -17.46 10.51
C VAL A 164 2.22 -18.24 9.36
N ALA A 165 1.72 -17.53 8.34
CA ALA A 165 1.13 -18.16 7.13
C ALA A 165 1.91 -17.73 5.86
N THR A 166 1.85 -18.49 4.80
CA THR A 166 2.64 -18.17 3.66
C THR A 166 1.76 -17.53 2.59
N THR A 167 2.20 -16.41 2.03
CA THR A 167 1.50 -15.89 0.90
C THR A 167 2.39 -15.67 -0.33
N TYR A 168 1.80 -15.03 -1.35
CA TYR A 168 2.46 -14.71 -2.59
C TYR A 168 2.01 -13.34 -3.07
N LEU A 169 2.92 -12.66 -3.73
CA LEU A 169 2.71 -11.33 -4.25
C LEU A 169 1.39 -11.19 -4.98
N GLY A 170 0.91 -12.31 -5.53
CA GLY A 170 -0.26 -12.35 -6.39
C GLY A 170 -1.47 -12.01 -5.57
N GLY A 171 -1.29 -11.98 -4.25
CA GLY A 171 -2.33 -11.53 -3.35
C GLY A 171 -2.51 -10.01 -3.32
N GLU A 172 -1.50 -9.26 -3.75
CA GLU A 172 -1.50 -7.80 -3.68
C GLU A 172 -1.73 -7.15 -5.03
N PHE A 173 -1.37 -7.85 -6.11
CA PHE A 173 -1.44 -7.39 -7.49
C PHE A 173 -1.96 -8.52 -8.40
N ALA A 174 -2.63 -8.16 -9.49
CA ALA A 174 -3.03 -9.18 -10.44
C ALA A 174 -1.79 -9.68 -11.22
N VAL A 175 -1.52 -10.97 -11.09
CA VAL A 175 -0.43 -11.69 -11.74
C VAL A 175 -1.11 -12.55 -12.82
N GLN A 176 -0.38 -12.97 -13.85
CA GLN A 176 -1.07 -13.43 -15.03
C GLN A 176 -1.67 -14.85 -14.97
N ASN A 177 -1.32 -15.71 -14.04
CA ASN A 177 -2.00 -17.03 -14.10
C ASN A 177 -2.54 -17.51 -12.79
N TYR A 178 -2.54 -16.63 -11.81
CA TYR A 178 -2.74 -17.05 -10.46
C TYR A 178 -4.24 -17.03 -10.17
N ASN A 179 -4.97 -16.18 -10.90
CA ASN A 179 -6.42 -16.04 -10.80
C ASN A 179 -7.06 -16.28 -9.43
N VAL A 180 -7.82 -17.37 -9.27
CA VAL A 180 -8.54 -17.64 -8.03
C VAL A 180 -7.63 -17.71 -6.77
N MET A 181 -6.38 -18.12 -6.92
CA MET A 181 -5.47 -18.21 -5.80
C MET A 181 -5.08 -16.80 -5.39
N GLY A 182 -4.99 -15.90 -6.36
CA GLY A 182 -4.72 -14.48 -6.05
C GLY A 182 -5.78 -13.90 -5.14
N VAL A 183 -7.04 -14.21 -5.41
CA VAL A 183 -8.14 -13.75 -4.58
C VAL A 183 -8.15 -14.49 -3.24
N ALA A 184 -7.66 -15.72 -3.17
CA ALA A 184 -7.50 -16.37 -1.88
C ALA A 184 -6.36 -15.75 -1.07
N LYS A 185 -5.25 -15.40 -1.72
CA LYS A 185 -4.18 -14.73 -0.98
C LYS A 185 -4.57 -13.37 -0.45
N ALA A 186 -5.34 -12.62 -1.23
CA ALA A 186 -5.78 -11.30 -0.77
C ALA A 186 -6.57 -11.50 0.52
N SER A 187 -7.38 -12.55 0.51
CA SER A 187 -8.21 -12.94 1.63
C SER A 187 -7.39 -13.45 2.80
N LEU A 188 -6.32 -14.18 2.51
CA LEU A 188 -5.38 -14.65 3.52
C LEU A 188 -4.71 -13.48 4.25
N GLU A 189 -4.25 -12.50 3.49
CA GLU A 189 -3.56 -11.36 4.06
C GLU A 189 -4.44 -10.57 5.02
N ALA A 190 -5.71 -10.36 4.67
CA ALA A 190 -6.64 -9.66 5.53
C ALA A 190 -6.89 -10.44 6.84
N ASN A 191 -7.06 -11.76 6.66
CA ASN A 191 -7.24 -12.72 7.72
C ASN A 191 -6.10 -12.62 8.77
N VAL A 192 -4.87 -12.45 8.32
CA VAL A 192 -3.74 -12.28 9.22
C VAL A 192 -3.94 -10.98 10.02
N LYS A 193 -4.25 -9.87 9.34
CA LYS A 193 -4.51 -8.60 10.02
C LYS A 193 -5.65 -8.71 11.02
N TYR A 194 -6.82 -9.18 10.60
CA TYR A 194 -7.92 -9.39 11.52
C TYR A 194 -7.63 -10.35 12.66
N LEU A 195 -6.80 -11.37 12.44
CA LEU A 195 -6.39 -12.25 13.55
C LEU A 195 -5.40 -11.60 14.50
N ALA A 196 -4.41 -10.88 13.98
CA ALA A 196 -3.49 -10.10 14.80
C ALA A 196 -4.25 -9.23 15.77
N LEU A 197 -5.26 -8.53 15.26
CA LEU A 197 -6.07 -7.61 16.08
C LEU A 197 -6.77 -8.38 17.18
N ASP A 198 -7.38 -9.51 16.85
CA ASP A 198 -8.19 -10.25 17.77
C ASP A 198 -7.34 -11.02 18.77
N LEU A 199 -6.19 -11.55 18.36
CA LEU A 199 -5.39 -12.39 19.27
C LEU A 199 -4.26 -11.61 19.94
N GLY A 200 -4.14 -10.34 19.59
CA GLY A 200 -3.11 -9.52 20.16
C GLY A 200 -3.22 -9.47 21.66
N PRO A 201 -4.43 -9.24 22.21
CA PRO A 201 -4.51 -9.13 23.67
C PRO A 201 -4.14 -10.43 24.41
N ASP A 202 -4.18 -11.58 23.75
CA ASP A 202 -3.73 -12.84 24.36
C ASP A 202 -2.24 -13.12 24.10
N ASN A 203 -1.54 -12.12 23.59
CA ASN A 203 -0.11 -12.19 23.31
C ASN A 203 0.22 -13.14 22.17
N ILE A 204 -0.69 -13.27 21.23
CA ILE A 204 -0.44 -14.10 20.08
C ILE A 204 -0.29 -13.22 18.84
N ARG A 205 0.90 -13.26 18.25
CA ARG A 205 1.21 -12.51 17.05
C ARG A 205 0.86 -13.30 15.80
N VAL A 206 0.24 -12.65 14.82
CA VAL A 206 -0.08 -13.29 13.54
C VAL A 206 0.59 -12.51 12.41
N ASN A 207 1.40 -13.20 11.64
CA ASN A 207 2.13 -12.60 10.52
C ASN A 207 2.10 -13.44 9.24
N ALA A 208 2.43 -12.83 8.09
CA ALA A 208 2.66 -13.63 6.89
C ALA A 208 4.04 -13.41 6.26
N ILE A 209 4.48 -14.41 5.48
CA ILE A 209 5.66 -14.31 4.62
C ILE A 209 5.19 -14.43 3.20
N SER A 210 5.42 -13.38 2.41
CA SER A 210 5.16 -13.37 0.97
C SER A 210 6.43 -13.93 0.29
N ALA A 211 6.43 -15.23 -0.02
CA ALA A 211 7.60 -15.84 -0.68
C ALA A 211 7.62 -15.48 -2.15
N GLY A 212 8.82 -15.51 -2.74
CA GLY A 212 8.99 -15.37 -4.20
C GLY A 212 8.93 -16.75 -4.80
N PRO A 213 8.87 -16.85 -6.14
CA PRO A 213 8.63 -18.19 -6.65
C PRO A 213 9.77 -19.16 -6.27
N ILE A 214 9.38 -20.37 -5.88
CA ILE A 214 10.27 -21.47 -5.58
C ILE A 214 9.73 -22.76 -6.26
N ARG A 215 10.62 -23.60 -6.83
CA ARG A 215 10.19 -24.84 -7.45
C ARG A 215 9.77 -25.92 -6.44
N THR A 216 8.45 -26.12 -6.35
CA THR A 216 7.81 -27.07 -5.44
C THR A 216 6.74 -27.86 -6.19
N LEU A 217 6.12 -28.81 -5.48
CA LEU A 217 5.09 -29.69 -6.04
C LEU A 217 3.85 -28.90 -6.49
N SER A 218 3.43 -27.95 -5.68
CA SER A 218 2.27 -27.13 -6.02
C SER A 218 2.58 -26.08 -7.10
N ALA A 219 3.84 -25.67 -7.17
CA ALA A 219 4.32 -24.73 -8.19
C ALA A 219 3.94 -25.15 -9.63
N LYS A 220 3.87 -26.47 -9.86
CA LYS A 220 3.57 -27.04 -11.17
C LYS A 220 2.16 -26.76 -11.66
N GLY A 221 1.23 -26.49 -10.74
CA GLY A 221 -0.12 -26.06 -11.10
C GLY A 221 -0.20 -24.65 -11.67
N VAL A 222 0.72 -23.78 -11.29
CA VAL A 222 0.72 -22.39 -11.76
C VAL A 222 1.37 -22.23 -13.12
N GLY A 223 0.56 -21.88 -14.11
CA GLY A 223 1.03 -21.62 -15.46
C GLY A 223 2.07 -20.54 -15.55
N GLY A 224 2.95 -20.66 -16.53
CA GLY A 224 4.00 -19.66 -16.82
C GLY A 224 5.09 -19.58 -15.78
N PHE A 225 5.02 -20.47 -14.79
CA PHE A 225 5.95 -20.48 -13.67
C PHE A 225 7.43 -20.25 -14.04
N ASN A 226 7.86 -20.83 -15.18
CA ASN A 226 9.22 -20.63 -15.67
C ASN A 226 9.57 -19.17 -15.95
N THR A 227 8.74 -18.47 -16.73
CA THR A 227 9.04 -17.08 -17.07
C THR A 227 8.93 -16.19 -15.83
N ILE A 228 8.10 -16.61 -14.87
CA ILE A 228 8.07 -15.97 -13.55
C ILE A 228 9.45 -16.06 -12.93
N LEU A 229 9.97 -17.29 -12.82
CA LEU A 229 11.31 -17.57 -12.26
C LEU A 229 12.41 -16.67 -12.81
N LYS A 230 12.38 -16.47 -14.12
CA LYS A 230 13.39 -15.67 -14.80
C LYS A 230 13.23 -14.17 -14.62
N GLU A 231 12.00 -13.70 -14.47
CA GLU A 231 11.77 -12.28 -14.29
C GLU A 231 12.41 -11.82 -12.99
N ILE A 232 12.30 -12.66 -11.97
CA ILE A 232 13.05 -12.51 -10.72
C ILE A 232 14.55 -12.37 -10.97
N GLU A 233 15.18 -13.36 -11.61
CA GLU A 233 16.60 -13.28 -11.89
C GLU A 233 17.04 -12.03 -12.68
N GLU A 234 16.13 -11.49 -13.49
CA GLU A 234 16.48 -10.42 -14.39
C GLU A 234 16.18 -9.05 -13.86
N ARG A 235 15.06 -8.94 -13.13
CA ARG A 235 14.51 -7.63 -12.77
C ARG A 235 14.52 -7.34 -11.27
N ALA A 236 14.53 -8.37 -10.45
CA ALA A 236 14.58 -8.24 -8.98
C ALA A 236 15.89 -7.68 -8.48
N PRO A 237 15.85 -6.86 -7.42
CA PRO A 237 17.06 -6.20 -6.97
C PRO A 237 18.25 -7.16 -6.73
N LEU A 238 18.01 -8.28 -6.07
CA LEU A 238 19.09 -9.18 -5.77
C LEU A 238 19.50 -10.02 -6.96
N LYS A 239 18.70 -9.96 -8.04
CA LYS A 239 19.00 -10.62 -9.31
C LYS A 239 19.19 -12.15 -9.19
N ARG A 240 18.43 -12.76 -8.31
CA ARG A 240 18.43 -14.22 -8.11
C ARG A 240 17.14 -14.67 -7.39
N ASN A 241 16.80 -15.94 -7.54
CA ASN A 241 15.63 -16.48 -6.86
C ASN A 241 15.95 -16.84 -5.43
N VAL A 242 14.91 -16.90 -4.59
CA VAL A 242 15.10 -17.36 -3.23
C VAL A 242 14.91 -18.86 -3.15
N ASP A 243 15.03 -19.43 -1.95
CA ASP A 243 14.71 -20.83 -1.76
C ASP A 243 14.01 -21.08 -0.42
N GLN A 244 13.67 -22.34 -0.16
CA GLN A 244 12.90 -22.75 1.01
C GLN A 244 13.63 -22.43 2.31
N VAL A 245 14.93 -22.66 2.33
CA VAL A 245 15.74 -22.34 3.49
C VAL A 245 15.73 -20.83 3.79
N GLU A 246 15.80 -20.01 2.74
CA GLU A 246 15.63 -18.57 2.93
C GLU A 246 14.27 -18.14 3.47
N VAL A 247 13.21 -18.80 3.06
CA VAL A 247 11.90 -18.55 3.66
C VAL A 247 11.95 -19.04 5.09
N GLY A 248 12.65 -20.16 5.32
CA GLY A 248 12.73 -20.78 6.65
C GLY A 248 13.38 -19.88 7.70
N LYS A 249 14.39 -19.11 7.29
CA LYS A 249 15.09 -18.25 8.24
C LYS A 249 14.25 -17.05 8.70
N THR A 250 13.43 -16.50 7.81
CA THR A 250 12.48 -15.45 8.18
C THR A 250 11.38 -16.00 9.09
N ALA A 251 10.82 -17.15 8.75
CA ALA A 251 9.93 -17.83 9.66
C ALA A 251 10.55 -18.01 11.05
N ALA A 252 11.84 -18.37 11.15
CA ALA A 252 12.47 -18.50 12.48
C ALA A 252 12.39 -17.18 13.23
N TYR A 253 12.60 -16.07 12.53
CA TYR A 253 12.52 -14.75 13.13
C TYR A 253 11.10 -14.46 13.58
N LEU A 254 10.14 -14.68 12.70
CA LEU A 254 8.75 -14.41 13.02
C LEU A 254 8.21 -15.22 14.17
N LEU A 255 8.71 -16.45 14.31
CA LEU A 255 8.26 -17.35 15.37
C LEU A 255 8.97 -17.14 16.71
N SER A 256 10.10 -16.42 16.71
CA SER A 256 10.88 -16.33 17.92
C SER A 256 10.61 -15.00 18.62
N ASP A 257 11.27 -14.74 19.75
CA ASP A 257 11.08 -13.48 20.44
C ASP A 257 11.81 -12.31 19.78
N LEU A 258 12.66 -12.59 18.79
CA LEU A 258 13.25 -11.54 17.93
C LEU A 258 12.24 -10.63 17.26
N SER A 259 11.01 -11.09 17.13
CA SER A 259 10.01 -10.32 16.44
C SER A 259 8.89 -9.89 17.36
N SER A 260 9.19 -9.78 18.64
CA SER A 260 8.13 -9.57 19.63
C SER A 260 7.30 -8.33 19.32
N GLY A 261 7.94 -7.31 18.75
CA GLY A 261 7.22 -6.09 18.46
C GLY A 261 6.34 -6.18 17.25
N VAL A 262 6.37 -7.34 16.57
CA VAL A 262 5.85 -7.49 15.22
C VAL A 262 4.63 -8.40 15.08
N THR A 263 3.52 -7.78 14.69
CA THR A 263 2.34 -8.53 14.36
C THR A 263 1.55 -7.81 13.24
N GLY A 264 0.71 -8.53 12.53
CA GLY A 264 -0.11 -7.94 11.48
C GLY A 264 0.66 -7.67 10.20
N GLU A 265 1.90 -8.14 10.14
CA GLU A 265 2.85 -7.72 9.13
C GLU A 265 2.98 -8.79 8.04
N ASN A 266 3.43 -8.37 6.85
CA ASN A 266 3.58 -9.21 5.70
C ASN A 266 4.99 -9.01 5.17
N ILE A 267 5.88 -9.98 5.41
CA ILE A 267 7.30 -9.81 5.09
C ILE A 267 7.70 -10.52 3.78
N HIS A 268 8.11 -9.74 2.79
CA HIS A 268 8.43 -10.29 1.48
C HIS A 268 9.82 -10.92 1.47
N VAL A 269 9.87 -12.23 1.30
CA VAL A 269 11.15 -12.88 1.12
C VAL A 269 11.20 -13.23 -0.37
N ASP A 270 11.61 -12.25 -1.17
CA ASP A 270 11.44 -12.30 -2.61
C ASP A 270 12.48 -11.49 -3.39
N SER A 271 13.70 -11.42 -2.86
CA SER A 271 14.82 -10.74 -3.55
C SER A 271 14.54 -9.30 -3.95
N GLY A 272 13.47 -8.74 -3.39
CA GLY A 272 13.18 -7.33 -3.55
C GLY A 272 12.20 -7.07 -4.66
N PHE A 273 11.68 -8.15 -5.25
CA PHE A 273 10.77 -8.02 -6.39
C PHE A 273 9.56 -7.15 -6.03
N HIS A 274 9.01 -7.31 -4.85
CA HIS A 274 7.81 -6.57 -4.46
C HIS A 274 7.98 -5.03 -4.51
N ALA A 275 9.24 -4.57 -4.46
CA ALA A 275 9.57 -3.13 -4.37
C ALA A 275 9.81 -2.48 -5.74
N ILE A 276 9.95 -3.29 -6.80
CA ILE A 276 10.23 -2.75 -8.14
C ILE A 276 9.02 -2.88 -9.06
N LYS A 277 9.01 -2.14 -10.17
CA LYS A 277 7.85 -2.14 -11.09
C LYS A 277 8.17 -1.60 -12.48
N ASN B 24 -23.28 15.06 -21.12
CA ASN B 24 -22.51 13.93 -20.57
C ASN B 24 -23.07 12.53 -20.93
N LEU B 25 -24.23 12.14 -20.40
CA LEU B 25 -24.61 10.71 -20.37
C LEU B 25 -25.91 10.19 -21.00
N GLU B 26 -26.57 10.98 -21.85
CA GLU B 26 -27.77 10.52 -22.59
C GLU B 26 -27.52 9.19 -23.31
N ASN B 27 -28.56 8.36 -23.37
CA ASN B 27 -28.50 7.13 -24.15
C ASN B 27 -27.51 6.06 -23.67
N LYS B 28 -26.86 6.31 -22.53
CA LYS B 28 -26.09 5.27 -21.87
C LYS B 28 -27.04 4.49 -20.99
N THR B 29 -26.75 3.21 -20.81
CA THR B 29 -27.60 2.34 -20.00
C THR B 29 -26.75 1.65 -18.96
N TYR B 30 -27.23 1.66 -17.71
CA TYR B 30 -26.51 0.98 -16.64
C TYR B 30 -27.44 0.13 -15.79
N VAL B 31 -26.92 -1.00 -15.34
CA VAL B 31 -27.62 -1.84 -14.38
C VAL B 31 -27.13 -1.48 -12.98
N ILE B 32 -28.06 -1.21 -12.08
CA ILE B 32 -27.71 -0.86 -10.70
C ILE B 32 -28.22 -1.96 -9.81
N MET B 33 -27.32 -2.48 -8.97
CA MET B 33 -27.62 -3.66 -8.20
C MET B 33 -27.49 -3.41 -6.72
N GLY B 34 -28.56 -3.65 -5.97
CA GLY B 34 -28.52 -3.54 -4.51
C GLY B 34 -29.13 -2.31 -3.85
N ILE B 35 -30.24 -1.83 -4.39
CA ILE B 35 -31.09 -0.85 -3.69
C ILE B 35 -32.13 -1.60 -2.84
N ALA B 36 -32.11 -1.32 -1.55
CA ALA B 36 -33.06 -1.88 -0.60
C ALA B 36 -34.10 -0.83 -0.19
N ASN B 37 -33.66 0.43 -0.09
CA ASN B 37 -34.51 1.60 0.23
C ASN B 37 -33.87 2.95 -0.15
N LYS B 38 -34.54 4.05 0.21
CA LYS B 38 -34.07 5.39 -0.18
C LYS B 38 -32.71 5.80 0.39
N ARG B 39 -32.20 5.03 1.35
CA ARG B 39 -30.93 5.35 1.96
C ARG B 39 -29.79 4.51 1.43
N SER B 40 -30.10 3.55 0.56
CA SER B 40 -29.08 2.67 -0.02
C SER B 40 -28.09 3.47 -0.84
N ILE B 41 -26.81 3.13 -0.71
CA ILE B 41 -25.76 3.81 -1.48
C ILE B 41 -26.09 3.78 -2.97
N ALA B 42 -26.58 2.63 -3.43
CA ALA B 42 -26.87 2.47 -4.85
C ALA B 42 -27.94 3.47 -5.30
N PHE B 43 -28.70 4.02 -4.35
CA PHE B 43 -29.74 4.98 -4.71
C PHE B 43 -29.17 6.38 -4.85
N GLY B 44 -27.97 6.60 -4.32
CA GLY B 44 -27.28 7.86 -4.53
C GLY B 44 -26.73 7.81 -5.94
N VAL B 45 -26.12 6.69 -6.29
CA VAL B 45 -25.64 6.47 -7.62
C VAL B 45 -26.82 6.69 -8.60
N ALA B 46 -27.92 5.99 -8.36
CA ALA B 46 -29.12 6.07 -9.17
C ALA B 46 -29.52 7.51 -9.44
N LYS B 47 -29.62 8.28 -8.37
CA LYS B 47 -30.10 9.64 -8.50
C LYS B 47 -29.17 10.46 -9.36
N VAL B 48 -27.85 10.28 -9.17
CA VAL B 48 -26.86 11.01 -9.97
C VAL B 48 -26.96 10.69 -11.47
N LEU B 49 -26.92 9.41 -11.81
CA LEU B 49 -26.91 8.99 -13.20
C LEU B 49 -28.23 9.35 -13.86
N ASP B 50 -29.32 9.24 -13.11
CA ASP B 50 -30.64 9.60 -13.62
C ASP B 50 -30.66 11.09 -13.96
N GLN B 51 -29.97 11.90 -13.16
CA GLN B 51 -29.93 13.32 -13.40
C GLN B 51 -29.08 13.65 -14.62
N LEU B 52 -28.06 12.82 -14.84
CA LEU B 52 -27.22 12.99 -16.02
C LEU B 52 -27.84 12.43 -17.29
N GLY B 53 -29.10 11.98 -17.21
CA GLY B 53 -29.91 11.56 -18.37
C GLY B 53 -29.75 10.13 -18.89
N ALA B 54 -29.09 9.27 -18.10
CA ALA B 54 -28.97 7.83 -18.40
C ALA B 54 -30.30 7.08 -18.26
N LYS B 55 -30.38 5.91 -18.88
CA LYS B 55 -31.48 5.01 -18.54
C LYS B 55 -30.95 3.86 -17.67
N LEU B 56 -31.81 3.34 -16.79
CA LEU B 56 -31.30 2.45 -15.76
C LEU B 56 -32.10 1.17 -15.65
N VAL B 57 -31.45 0.19 -15.05
CA VAL B 57 -32.02 -1.12 -14.86
C VAL B 57 -31.69 -1.48 -13.44
N PHE B 58 -32.69 -1.89 -12.69
CA PHE B 58 -32.48 -2.16 -11.26
C PHE B 58 -32.66 -3.61 -10.93
N THR B 59 -31.79 -4.13 -10.06
CA THR B 59 -31.94 -5.50 -9.58
C THR B 59 -32.07 -5.54 -8.07
N TYR B 60 -32.94 -6.41 -7.58
CA TYR B 60 -33.22 -6.56 -6.16
C TYR B 60 -33.14 -8.03 -5.73
N ARG B 61 -32.94 -8.28 -4.44
CA ARG B 61 -33.04 -9.65 -3.94
C ARG B 61 -34.48 -10.11 -3.63
N LYS B 62 -35.22 -9.30 -2.87
CA LYS B 62 -36.52 -9.74 -2.30
C LYS B 62 -37.73 -8.92 -2.78
N GLU B 63 -38.87 -9.60 -2.98
CA GLU B 63 -40.18 -8.94 -3.22
C GLU B 63 -40.49 -7.93 -2.14
N ARG B 64 -40.04 -8.26 -0.92
CA ARG B 64 -40.11 -7.38 0.26
C ARG B 64 -39.43 -6.00 0.07
N SER B 65 -38.72 -5.82 -1.05
CA SER B 65 -38.23 -4.51 -1.45
C SER B 65 -38.56 -4.18 -2.91
N ARG B 66 -39.45 -4.97 -3.53
CA ARG B 66 -39.85 -4.70 -4.91
C ARG B 66 -40.80 -3.52 -4.99
N LYS B 67 -41.98 -3.65 -4.36
CA LYS B 67 -42.93 -2.54 -4.28
C LYS B 67 -42.27 -1.33 -3.61
N GLU B 68 -41.35 -1.60 -2.70
CA GLU B 68 -40.48 -0.55 -2.18
C GLU B 68 -39.85 0.24 -3.33
N LEU B 69 -39.19 -0.46 -4.25
CA LEU B 69 -38.46 0.20 -5.33
C LEU B 69 -39.33 1.01 -6.28
N GLU B 70 -40.51 0.48 -6.60
CA GLU B 70 -41.47 1.14 -7.48
C GLU B 70 -41.79 2.52 -6.97
N LYS B 71 -41.93 2.64 -5.65
CA LYS B 71 -42.14 3.92 -4.97
C LYS B 71 -40.94 4.83 -5.17
N LEU B 72 -39.75 4.29 -4.90
CA LEU B 72 -38.51 5.05 -5.07
C LEU B 72 -38.33 5.56 -6.50
N LEU B 73 -38.79 4.77 -7.45
CA LEU B 73 -38.60 5.13 -8.85
C LEU B 73 -39.43 6.33 -9.30
N GLU B 74 -40.55 6.59 -8.61
CA GLU B 74 -41.35 7.79 -8.88
C GLU B 74 -40.52 9.05 -8.77
N GLN B 75 -39.46 8.97 -7.95
CA GLN B 75 -38.56 10.10 -7.69
C GLN B 75 -37.60 10.35 -8.84
N LEU B 76 -37.32 9.30 -9.62
CA LEU B 76 -36.45 9.38 -10.79
C LEU B 76 -37.24 9.59 -12.07
N ASN B 77 -36.57 9.91 -13.19
CA ASN B 77 -37.28 10.11 -14.46
C ASN B 77 -36.92 9.05 -15.50
N GLN B 78 -37.26 7.82 -15.21
CA GLN B 78 -37.12 6.78 -16.20
C GLN B 78 -38.38 6.82 -17.04
N PRO B 79 -38.25 6.68 -18.38
CA PRO B 79 -39.44 6.68 -19.22
C PRO B 79 -40.33 5.46 -18.93
N GLU B 80 -39.71 4.37 -18.49
CA GLU B 80 -40.40 3.19 -17.97
C GLU B 80 -39.52 2.39 -17.03
N ALA B 81 -40.18 1.49 -16.28
CA ALA B 81 -39.56 0.72 -15.19
C ALA B 81 -38.76 -0.47 -15.71
N HIS B 82 -37.58 -0.68 -15.15
CA HIS B 82 -36.77 -1.86 -15.46
C HIS B 82 -36.25 -2.53 -14.17
N LEU B 83 -36.98 -3.56 -13.73
CA LEU B 83 -36.77 -4.20 -12.43
C LEU B 83 -36.66 -5.70 -12.54
N TYR B 84 -35.55 -6.24 -12.04
CA TYR B 84 -35.26 -7.66 -12.19
C TYR B 84 -34.84 -8.28 -10.87
N GLN B 85 -35.49 -9.36 -10.48
CA GLN B 85 -35.08 -10.08 -9.27
C GLN B 85 -33.81 -10.89 -9.51
N ILE B 86 -32.73 -10.56 -8.78
CA ILE B 86 -31.48 -11.33 -8.88
C ILE B 86 -30.87 -11.59 -7.50
N ASP B 87 -30.88 -12.85 -7.09
CA ASP B 87 -30.15 -13.29 -5.91
C ASP B 87 -28.81 -13.84 -6.38
N VAL B 88 -27.73 -13.18 -6.01
CA VAL B 88 -26.43 -13.50 -6.54
C VAL B 88 -25.86 -14.83 -6.05
N GLN B 89 -26.54 -15.43 -5.07
CA GLN B 89 -26.18 -16.77 -4.61
C GLN B 89 -26.50 -17.84 -5.62
N SER B 90 -27.40 -17.52 -6.56
CA SER B 90 -27.87 -18.47 -7.59
C SER B 90 -27.32 -18.15 -8.97
N ASP B 91 -26.41 -19.00 -9.44
CA ASP B 91 -25.84 -18.86 -10.78
C ASP B 91 -26.96 -18.57 -11.78
N GLU B 92 -28.01 -19.39 -11.75
CA GLU B 92 -29.10 -19.35 -12.72
C GLU B 92 -29.74 -17.97 -12.84
N GLU B 93 -30.01 -17.36 -11.68
CA GLU B 93 -30.69 -16.07 -11.62
C GLU B 93 -29.86 -14.95 -12.22
N VAL B 94 -28.55 -15.02 -12.05
CA VAL B 94 -27.64 -14.01 -12.60
C VAL B 94 -27.58 -14.14 -14.12
N ILE B 95 -27.50 -15.39 -14.58
CA ILE B 95 -27.49 -15.71 -16.03
C ILE B 95 -28.79 -15.30 -16.71
N ASN B 96 -29.92 -15.83 -16.22
CA ASN B 96 -31.25 -15.50 -16.77
C ASN B 96 -31.60 -14.04 -16.61
N GLY B 97 -31.13 -13.45 -15.51
CA GLY B 97 -31.32 -12.05 -15.26
C GLY B 97 -30.68 -11.24 -16.35
N PHE B 98 -29.40 -11.47 -16.61
CA PHE B 98 -28.68 -10.67 -17.59
C PHE B 98 -29.03 -10.97 -19.04
N GLU B 99 -29.52 -12.18 -19.29
CA GLU B 99 -30.04 -12.50 -20.60
C GLU B 99 -31.34 -11.71 -20.85
N GLN B 100 -32.15 -11.57 -19.79
CA GLN B 100 -33.41 -10.87 -19.90
C GLN B 100 -33.17 -9.41 -20.16
N ILE B 101 -32.24 -8.81 -19.42
CA ILE B 101 -31.83 -7.43 -19.64
C ILE B 101 -31.44 -7.23 -21.11
N GLY B 102 -30.69 -8.19 -21.65
CA GLY B 102 -30.26 -8.11 -23.03
C GLY B 102 -31.44 -7.97 -23.97
N LYS B 103 -32.37 -8.92 -23.86
CA LYS B 103 -33.58 -8.94 -24.69
C LYS B 103 -34.44 -7.71 -24.46
N ASP B 104 -34.37 -7.15 -23.25
CA ASP B 104 -35.28 -6.07 -22.87
C ASP B 104 -34.79 -4.65 -23.21
N VAL B 105 -33.50 -4.40 -23.03
CA VAL B 105 -33.00 -3.06 -23.25
C VAL B 105 -31.90 -2.99 -24.31
N GLY B 106 -31.41 -4.12 -24.74
CA GLY B 106 -30.26 -4.14 -25.63
C GLY B 106 -28.97 -4.03 -24.83
N ASN B 107 -27.92 -3.54 -25.49
CA ASN B 107 -26.59 -3.54 -24.91
C ASN B 107 -26.43 -2.43 -23.91
N ILE B 108 -25.59 -2.69 -22.91
CA ILE B 108 -25.39 -1.80 -21.78
C ILE B 108 -23.99 -1.14 -21.78
N ASP B 109 -23.77 -0.18 -20.90
CA ASP B 109 -22.49 0.53 -20.85
C ASP B 109 -21.80 0.40 -19.50
N GLY B 110 -22.55 -0.02 -18.48
CA GLY B 110 -21.94 -0.27 -17.18
C GLY B 110 -22.76 -1.06 -16.19
N VAL B 111 -22.10 -1.49 -15.12
CA VAL B 111 -22.79 -2.10 -14.02
C VAL B 111 -22.25 -1.54 -12.69
N TYR B 112 -23.15 -1.03 -11.85
CA TYR B 112 -22.81 -0.70 -10.45
C TYR B 112 -23.20 -1.80 -9.43
N HIS B 113 -22.19 -2.39 -8.83
CA HIS B 113 -22.39 -3.47 -7.89
C HIS B 113 -22.40 -2.91 -6.48
N SER B 114 -23.54 -3.01 -5.81
CA SER B 114 -23.60 -2.53 -4.46
C SER B 114 -24.12 -3.61 -3.50
N ILE B 115 -23.45 -4.76 -3.46
CA ILE B 115 -24.02 -5.89 -2.76
C ILE B 115 -23.02 -6.49 -1.78
N ALA B 116 -23.51 -6.80 -0.58
CA ALA B 116 -22.75 -7.52 0.44
C ALA B 116 -23.67 -8.08 1.51
N PHE B 117 -23.17 -9.09 2.21
CA PHE B 117 -23.88 -9.66 3.31
C PHE B 117 -22.95 -10.55 4.10
N ALA B 118 -23.20 -10.63 5.40
CA ALA B 118 -22.61 -11.61 6.30
C ALA B 118 -23.61 -11.89 7.43
N ASN B 119 -23.44 -12.99 8.14
CA ASN B 119 -24.31 -13.27 9.28
C ASN B 119 -24.00 -12.27 10.40
N MET B 120 -25.05 -11.64 10.96
CA MET B 120 -24.86 -10.60 12.01
C MET B 120 -24.03 -11.04 13.22
N GLU B 121 -24.19 -12.29 13.65
CA GLU B 121 -23.37 -12.79 14.76
C GLU B 121 -21.89 -12.99 14.37
N ASP B 122 -21.59 -12.97 13.08
CA ASP B 122 -20.19 -12.96 12.72
C ASP B 122 -19.63 -11.54 12.79
N LEU B 123 -20.47 -10.54 12.52
CA LEU B 123 -20.08 -9.12 12.52
C LEU B 123 -19.92 -8.56 13.93
N ARG B 124 -19.80 -9.47 14.88
CA ARG B 124 -19.55 -9.11 16.28
C ARG B 124 -18.87 -10.34 16.89
N GLY B 125 -18.48 -10.27 18.14
CA GLY B 125 -17.69 -11.38 18.67
C GLY B 125 -16.31 -11.55 18.02
N ARG B 126 -15.49 -12.38 18.64
CA ARG B 126 -14.15 -12.61 18.18
C ARG B 126 -14.19 -13.05 16.71
N PHE B 127 -13.41 -12.42 15.85
CA PHE B 127 -13.29 -12.86 14.50
C PHE B 127 -12.78 -14.30 14.42
N SER B 128 -11.93 -14.68 15.38
CA SER B 128 -11.39 -16.04 15.39
C SER B 128 -12.46 -17.10 15.66
N GLU B 129 -13.62 -16.66 16.13
CA GLU B 129 -14.72 -17.57 16.44
C GLU B 129 -15.62 -17.83 15.23
N THR B 130 -15.43 -17.07 14.13
CA THR B 130 -16.39 -17.16 13.02
C THR B 130 -16.42 -18.55 12.43
N SER B 131 -17.61 -18.98 12.02
CA SER B 131 -17.84 -20.31 11.40
C SER B 131 -17.43 -20.33 9.93
N ARG B 132 -17.08 -21.52 9.45
CA ARG B 132 -16.75 -21.78 8.05
C ARG B 132 -17.83 -21.26 7.12
N GLU B 133 -19.08 -21.57 7.42
CA GLU B 133 -20.21 -21.17 6.57
C GLU B 133 -20.38 -19.67 6.60
N GLY B 134 -20.17 -19.07 7.76
CA GLY B 134 -20.21 -17.63 7.85
C GLY B 134 -19.21 -17.04 6.87
N PHE B 135 -17.98 -17.53 6.93
CA PHE B 135 -16.87 -17.05 6.10
C PHE B 135 -17.20 -17.16 4.60
N LEU B 136 -17.59 -18.37 4.21
CA LEU B 136 -17.80 -18.66 2.82
C LEU B 136 -19.02 -17.91 2.30
N LEU B 137 -20.02 -17.71 3.15
CA LEU B 137 -21.24 -17.04 2.73
C LEU B 137 -20.92 -15.60 2.37
N ALA B 138 -20.09 -14.98 3.21
CA ALA B 138 -19.68 -13.59 3.05
C ALA B 138 -18.84 -13.40 1.78
N GLN B 139 -17.93 -14.35 1.51
CA GLN B 139 -17.12 -14.32 0.31
C GLN B 139 -18.03 -14.45 -0.88
N ASP B 140 -18.96 -15.37 -0.77
CA ASP B 140 -19.91 -15.71 -1.83
C ASP B 140 -20.67 -14.48 -2.31
N ILE B 141 -21.29 -13.76 -1.39
CA ILE B 141 -22.20 -12.72 -1.81
C ILE B 141 -21.45 -11.44 -2.10
N SER B 142 -20.46 -11.11 -1.25
CA SER B 142 -19.81 -9.81 -1.28
C SER B 142 -18.61 -9.75 -2.21
N SER B 143 -18.08 -10.91 -2.58
CA SER B 143 -16.93 -10.96 -3.46
C SER B 143 -17.13 -11.71 -4.78
N TYR B 144 -17.53 -12.97 -4.71
CA TYR B 144 -17.63 -13.78 -5.94
C TYR B 144 -18.73 -13.27 -6.84
N SER B 145 -19.78 -12.71 -6.26
CA SER B 145 -20.89 -12.21 -7.02
C SER B 145 -20.42 -11.29 -8.11
N LEU B 146 -19.44 -10.43 -7.83
CA LEU B 146 -18.91 -9.52 -8.83
C LEU B 146 -18.42 -10.26 -10.04
N THR B 147 -17.82 -11.41 -9.81
CA THR B 147 -17.25 -12.24 -10.87
C THR B 147 -18.28 -12.72 -11.92
N ILE B 148 -19.29 -13.53 -11.53
CA ILE B 148 -20.31 -13.96 -12.50
C ILE B 148 -21.02 -12.75 -13.06
N VAL B 149 -21.26 -11.76 -12.20
CA VAL B 149 -21.92 -10.53 -12.67
C VAL B 149 -21.14 -9.97 -13.87
N ALA B 150 -19.84 -9.71 -13.68
CA ALA B 150 -18.98 -9.33 -14.79
C ALA B 150 -19.09 -10.29 -16.00
N HIS B 151 -18.93 -11.59 -15.78
CA HIS B 151 -18.92 -12.55 -16.86
C HIS B 151 -20.19 -12.46 -17.76
N GLU B 152 -21.35 -12.34 -17.12
CA GLU B 152 -22.62 -12.26 -17.83
C GLU B 152 -22.81 -10.88 -18.42
N ALA B 153 -22.33 -9.86 -17.70
CA ALA B 153 -22.45 -8.48 -18.17
C ALA B 153 -21.67 -8.29 -19.48
N LYS B 154 -20.47 -8.87 -19.50
CA LYS B 154 -19.57 -8.81 -20.62
C LYS B 154 -20.29 -9.15 -21.91
N LYS B 155 -21.27 -10.06 -21.81
CA LYS B 155 -22.09 -10.48 -22.94
C LYS B 155 -22.91 -9.33 -23.50
N LEU B 156 -23.20 -8.34 -22.68
CA LEU B 156 -24.00 -7.19 -23.10
C LEU B 156 -23.14 -5.95 -23.41
N MET B 157 -21.83 -6.14 -23.44
CA MET B 157 -20.86 -5.07 -23.67
C MET B 157 -19.87 -5.33 -24.85
N PRO B 158 -20.39 -5.30 -26.09
CA PRO B 158 -19.54 -5.65 -27.24
C PRO B 158 -18.34 -4.71 -27.44
N GLU B 159 -18.55 -3.41 -27.27
CA GLU B 159 -17.50 -2.42 -27.52
C GLU B 159 -17.00 -1.80 -26.22
N GLY B 160 -16.94 -2.60 -25.16
CA GLY B 160 -16.39 -2.16 -23.90
C GLY B 160 -17.47 -1.61 -22.98
N GLY B 161 -17.03 -1.16 -21.80
CA GLY B 161 -17.89 -0.61 -20.76
C GLY B 161 -17.13 -0.45 -19.46
N SER B 162 -17.87 -0.32 -18.35
CA SER B 162 -17.29 0.00 -17.06
C SER B 162 -18.09 -0.64 -15.92
N ILE B 163 -17.38 -1.35 -15.04
CA ILE B 163 -17.96 -2.01 -13.89
C ILE B 163 -17.39 -1.39 -12.61
N VAL B 164 -18.25 -1.11 -11.64
CA VAL B 164 -17.84 -0.51 -10.38
C VAL B 164 -18.50 -1.26 -9.21
N ALA B 165 -17.68 -1.63 -8.23
CA ALA B 165 -18.18 -2.26 -7.01
C ALA B 165 -17.88 -1.37 -5.77
N THR B 166 -18.57 -1.59 -4.66
CA THR B 166 -18.42 -0.74 -3.48
C THR B 166 -17.66 -1.43 -2.35
N THR B 167 -16.60 -0.79 -1.86
CA THR B 167 -15.88 -1.36 -0.76
C THR B 167 -15.74 -0.42 0.43
N TYR B 168 -15.08 -0.91 1.47
CA TYR B 168 -14.91 -0.14 2.69
C TYR B 168 -13.48 -0.35 3.16
N LEU B 169 -12.93 0.67 3.80
CA LEU B 169 -11.56 0.68 4.25
C LEU B 169 -11.21 -0.59 5.01
N GLY B 170 -12.23 -1.23 5.55
CA GLY B 170 -12.05 -2.37 6.46
C GLY B 170 -11.45 -3.48 5.67
N GLY B 171 -11.50 -3.36 4.36
CA GLY B 171 -10.84 -4.27 3.48
C GLY B 171 -9.33 -4.11 3.37
N GLU B 172 -8.79 -2.96 3.78
CA GLU B 172 -7.34 -2.75 3.71
C GLU B 172 -6.67 -2.85 5.09
N PHE B 173 -7.46 -2.60 6.12
CA PHE B 173 -6.98 -2.55 7.49
C PHE B 173 -7.97 -3.25 8.40
N ALA B 174 -7.47 -3.87 9.46
CA ALA B 174 -8.36 -4.42 10.46
C ALA B 174 -9.08 -3.29 11.23
N VAL B 175 -10.41 -3.26 11.12
CA VAL B 175 -11.31 -2.33 11.78
C VAL B 175 -12.07 -3.12 12.84
N GLN B 176 -12.66 -2.47 13.82
CA GLN B 176 -12.93 -3.18 15.08
C GLN B 176 -14.21 -4.04 15.14
N ASN B 177 -15.13 -3.93 14.18
CA ASN B 177 -16.29 -4.83 14.26
C ASN B 177 -16.68 -5.36 12.92
N TYR B 178 -15.76 -5.26 11.98
CA TYR B 178 -16.05 -5.55 10.63
C TYR B 178 -15.76 -7.03 10.35
N ASN B 179 -14.74 -7.58 11.01
CA ASN B 179 -14.38 -9.01 10.97
C ASN B 179 -14.54 -9.71 9.61
N VAL B 180 -15.50 -10.61 9.48
CA VAL B 180 -15.65 -11.40 8.25
C VAL B 180 -15.90 -10.52 7.00
N MET B 181 -16.66 -9.46 7.15
CA MET B 181 -16.87 -8.56 6.05
C MET B 181 -15.57 -7.88 5.60
N GLY B 182 -14.66 -7.63 6.52
CA GLY B 182 -13.34 -7.13 6.18
C GLY B 182 -12.62 -8.10 5.27
N VAL B 183 -12.64 -9.40 5.62
CA VAL B 183 -11.99 -10.39 4.79
C VAL B 183 -12.69 -10.52 3.44
N ALA B 184 -14.01 -10.33 3.42
CA ALA B 184 -14.73 -10.30 2.16
C ALA B 184 -14.37 -9.08 1.30
N LYS B 185 -14.13 -7.93 1.93
CA LYS B 185 -13.75 -6.78 1.12
C LYS B 185 -12.34 -6.94 0.57
N ALA B 186 -11.42 -7.46 1.37
CA ALA B 186 -10.05 -7.65 0.86
C ALA B 186 -10.12 -8.45 -0.42
N SER B 187 -11.02 -9.44 -0.40
CA SER B 187 -11.27 -10.37 -1.49
C SER B 187 -11.91 -9.64 -2.69
N LEU B 188 -12.90 -8.81 -2.41
CA LEU B 188 -13.53 -7.98 -3.43
C LEU B 188 -12.52 -7.11 -4.13
N GLU B 189 -11.68 -6.41 -3.36
CA GLU B 189 -10.64 -5.56 -3.91
C GLU B 189 -9.68 -6.30 -4.87
N ALA B 190 -9.32 -7.56 -4.58
CA ALA B 190 -8.39 -8.30 -5.42
C ALA B 190 -9.10 -8.83 -6.68
N ASN B 191 -10.37 -9.18 -6.52
CA ASN B 191 -11.28 -9.55 -7.59
C ASN B 191 -11.43 -8.40 -8.63
N VAL B 192 -11.48 -7.16 -8.16
CA VAL B 192 -11.53 -6.03 -9.07
C VAL B 192 -10.23 -6.03 -9.86
N LYS B 193 -9.09 -6.15 -9.19
CA LYS B 193 -7.82 -6.15 -9.89
C LYS B 193 -7.74 -7.27 -10.93
N TYR B 194 -8.01 -8.50 -10.53
CA TYR B 194 -7.97 -9.64 -11.46
C TYR B 194 -8.98 -9.54 -12.59
N LEU B 195 -10.12 -8.87 -12.36
CA LEU B 195 -11.08 -8.72 -13.45
C LEU B 195 -10.59 -7.66 -14.42
N ALA B 196 -10.07 -6.55 -13.89
CA ALA B 196 -9.50 -5.46 -14.72
C ALA B 196 -8.47 -5.99 -15.72
N LEU B 197 -7.68 -6.98 -15.25
CA LEU B 197 -6.60 -7.56 -16.03
C LEU B 197 -7.18 -8.43 -17.13
N ASP B 198 -8.17 -9.22 -16.76
CA ASP B 198 -8.86 -10.14 -17.65
C ASP B 198 -9.77 -9.43 -18.66
N LEU B 199 -10.53 -8.41 -18.24
CA LEU B 199 -11.50 -7.79 -19.14
C LEU B 199 -10.95 -6.55 -19.79
N GLY B 200 -9.71 -6.22 -19.46
CA GLY B 200 -9.04 -5.06 -20.06
C GLY B 200 -8.98 -5.12 -21.57
N PRO B 201 -8.56 -6.27 -22.13
CA PRO B 201 -8.50 -6.36 -23.60
C PRO B 201 -9.85 -6.21 -24.33
N ASP B 202 -10.97 -6.42 -23.62
CA ASP B 202 -12.30 -6.28 -24.21
C ASP B 202 -12.79 -4.87 -23.89
N ASN B 203 -11.86 -4.00 -23.52
CA ASN B 203 -12.18 -2.62 -23.22
C ASN B 203 -13.22 -2.47 -22.12
N ILE B 204 -13.15 -3.36 -21.14
CA ILE B 204 -14.04 -3.23 -20.00
C ILE B 204 -13.21 -2.91 -18.77
N ARG B 205 -13.51 -1.74 -18.16
CA ARG B 205 -12.82 -1.26 -16.95
C ARG B 205 -13.51 -1.72 -15.65
N VAL B 206 -12.73 -2.20 -14.70
CA VAL B 206 -13.25 -2.64 -13.41
C VAL B 206 -12.56 -1.82 -12.34
N ASN B 207 -13.36 -1.21 -11.45
CA ASN B 207 -12.89 -0.29 -10.42
C ASN B 207 -13.72 -0.46 -9.15
N ALA B 208 -13.20 0.01 -8.01
CA ALA B 208 -13.99 0.05 -6.79
C ALA B 208 -14.05 1.45 -6.15
N ILE B 209 -15.09 1.73 -5.37
CA ILE B 209 -15.15 2.92 -4.58
C ILE B 209 -15.20 2.43 -3.14
N SER B 210 -14.26 2.93 -2.33
CA SER B 210 -14.17 2.63 -0.92
C SER B 210 -14.85 3.79 -0.24
N ALA B 211 -16.14 3.60 0.10
CA ALA B 211 -16.94 4.67 0.73
C ALA B 211 -16.62 4.74 2.21
N GLY B 212 -16.81 5.93 2.79
CA GLY B 212 -16.71 6.16 4.22
C GLY B 212 -18.07 5.86 4.82
N PRO B 213 -18.15 5.77 6.15
CA PRO B 213 -19.41 5.32 6.69
C PRO B 213 -20.58 6.27 6.37
N ILE B 214 -21.69 5.65 5.95
CA ILE B 214 -22.94 6.32 5.67
C ILE B 214 -24.09 5.58 6.38
N ARG B 215 -25.05 6.32 6.93
CA ARG B 215 -26.19 5.67 7.60
C ARG B 215 -27.18 5.05 6.62
N THR B 216 -27.12 3.72 6.54
CA THR B 216 -27.96 2.89 5.66
C THR B 216 -28.54 1.68 6.40
N LEU B 217 -29.43 0.95 5.73
CA LEU B 217 -30.08 -0.21 6.34
C LEU B 217 -29.08 -1.27 6.80
N SER B 218 -28.06 -1.54 5.97
CA SER B 218 -27.03 -2.53 6.31
C SER B 218 -26.04 -2.03 7.37
N ALA B 219 -25.85 -0.72 7.42
CA ALA B 219 -24.99 -0.07 8.40
C ALA B 219 -25.32 -0.50 9.82
N LYS B 220 -26.60 -0.80 10.08
CA LYS B 220 -27.10 -1.21 11.41
C LYS B 220 -26.53 -2.54 11.92
N GLY B 221 -26.14 -3.41 10.98
CA GLY B 221 -25.45 -4.65 11.33
C GLY B 221 -24.03 -4.50 11.88
N VAL B 222 -23.32 -3.44 11.46
CA VAL B 222 -21.95 -3.17 11.92
C VAL B 222 -21.93 -2.49 13.31
N GLY B 223 -21.41 -3.19 14.31
CA GLY B 223 -21.30 -2.64 15.68
C GLY B 223 -20.38 -1.41 15.79
N GLY B 224 -20.70 -0.52 16.74
CA GLY B 224 -19.89 0.66 17.00
C GLY B 224 -19.96 1.73 15.93
N PHE B 225 -20.84 1.53 14.95
CA PHE B 225 -21.03 2.44 13.81
C PHE B 225 -21.12 3.93 14.19
N ASN B 226 -21.72 4.22 15.35
CA ASN B 226 -21.78 5.60 15.82
C ASN B 226 -20.42 6.24 16.10
N THR B 227 -19.58 5.53 16.83
CA THR B 227 -18.27 6.08 17.14
C THR B 227 -17.40 6.14 15.87
N ILE B 228 -17.63 5.22 14.93
CA ILE B 228 -16.98 5.30 13.62
C ILE B 228 -17.38 6.62 12.93
N LEU B 229 -18.67 6.92 12.90
CA LEU B 229 -19.18 8.13 12.28
C LEU B 229 -18.50 9.38 12.80
N LYS B 230 -18.27 9.42 14.11
CA LYS B 230 -17.68 10.58 14.77
C LYS B 230 -16.18 10.73 14.62
N GLU B 231 -15.48 9.60 14.43
CA GLU B 231 -14.03 9.64 14.24
C GLU B 231 -13.75 10.33 12.92
N ILE B 232 -14.65 10.14 11.97
CA ILE B 232 -14.58 10.80 10.67
C ILE B 232 -14.66 12.31 10.86
N GLU B 233 -15.73 12.75 11.50
CA GLU B 233 -15.93 14.16 11.74
C GLU B 233 -14.76 14.77 12.49
N GLU B 234 -14.08 13.97 13.30
CA GLU B 234 -13.07 14.52 14.20
C GLU B 234 -11.64 14.46 13.65
N ARG B 235 -11.33 13.38 12.94
CA ARG B 235 -9.95 13.11 12.58
C ARG B 235 -9.68 13.16 11.10
N ALA B 236 -10.74 12.96 10.30
CA ALA B 236 -10.71 13.05 8.84
C ALA B 236 -10.40 14.44 8.32
N PRO B 237 -9.60 14.54 7.23
CA PRO B 237 -9.18 15.84 6.74
C PRO B 237 -10.30 16.84 6.50
N LEU B 238 -11.39 16.40 5.90
CA LEU B 238 -12.47 17.32 5.61
C LEU B 238 -13.35 17.54 6.82
N LYS B 239 -13.14 16.74 7.85
CA LYS B 239 -13.81 16.93 9.13
C LYS B 239 -15.32 16.84 9.04
N ARG B 240 -15.80 15.94 8.18
CA ARG B 240 -17.24 15.68 8.00
C ARG B 240 -17.46 14.33 7.30
N ASN B 241 -18.64 13.76 7.48
CA ASN B 241 -18.98 12.51 6.81
C ASN B 241 -19.44 12.75 5.40
N VAL B 242 -19.31 11.71 4.56
CA VAL B 242 -19.77 11.77 3.19
C VAL B 242 -21.17 11.23 3.14
N ASP B 243 -21.79 11.23 1.96
CA ASP B 243 -23.15 10.71 1.81
C ASP B 243 -23.32 10.01 0.46
N GLN B 244 -24.48 9.39 0.27
CA GLN B 244 -24.77 8.58 -0.90
C GLN B 244 -24.60 9.33 -2.22
N VAL B 245 -25.07 10.58 -2.28
CA VAL B 245 -24.90 11.41 -3.45
C VAL B 245 -23.43 11.68 -3.79
N GLU B 246 -22.60 11.90 -2.77
CA GLU B 246 -21.16 12.03 -2.98
C GLU B 246 -20.55 10.78 -3.57
N VAL B 247 -20.96 9.60 -3.10
CA VAL B 247 -20.47 8.35 -3.67
C VAL B 247 -20.99 8.29 -5.09
N GLY B 248 -22.24 8.73 -5.29
CA GLY B 248 -22.91 8.71 -6.61
C GLY B 248 -22.16 9.48 -7.66
N LYS B 249 -21.57 10.60 -7.28
CA LYS B 249 -20.86 11.44 -8.25
C LYS B 249 -19.52 10.83 -8.69
N THR B 250 -18.80 10.19 -7.78
CA THR B 250 -17.62 9.39 -8.19
C THR B 250 -17.99 8.19 -9.10
N ALA B 251 -19.08 7.50 -8.78
CA ALA B 251 -19.56 6.44 -9.64
C ALA B 251 -19.80 6.99 -11.04
N ALA B 252 -20.41 8.18 -11.15
CA ALA B 252 -20.67 8.74 -12.48
C ALA B 252 -19.37 8.92 -13.25
N TYR B 253 -18.32 9.36 -12.56
CA TYR B 253 -17.00 9.48 -13.17
C TYR B 253 -16.47 8.10 -13.60
N LEU B 254 -16.50 7.11 -12.71
CA LEU B 254 -15.94 5.79 -13.10
C LEU B 254 -16.68 5.15 -14.26
N LEU B 255 -17.96 5.46 -14.38
CA LEU B 255 -18.78 4.78 -15.34
C LEU B 255 -18.73 5.48 -16.67
N SER B 256 -18.29 6.73 -16.69
CA SER B 256 -18.33 7.51 -17.94
C SER B 256 -16.96 7.49 -18.61
N ASP B 257 -16.81 8.20 -19.72
CA ASP B 257 -15.55 8.20 -20.44
C ASP B 257 -14.49 9.10 -19.77
N LEU B 258 -14.91 9.84 -18.76
CA LEU B 258 -13.99 10.66 -17.97
C LEU B 258 -12.88 9.85 -17.31
N SER B 259 -13.11 8.56 -17.18
CA SER B 259 -12.18 7.70 -16.49
C SER B 259 -11.60 6.67 -17.43
N SER B 260 -11.60 6.98 -18.72
CA SER B 260 -11.16 6.01 -19.70
C SER B 260 -9.76 5.46 -19.37
N GLY B 261 -8.84 6.28 -18.88
CA GLY B 261 -7.52 5.75 -18.56
C GLY B 261 -7.51 4.85 -17.32
N VAL B 262 -8.65 4.76 -16.64
CA VAL B 262 -8.70 4.23 -15.27
C VAL B 262 -9.34 2.85 -15.08
N THR B 263 -8.51 1.95 -14.60
CA THR B 263 -8.99 0.61 -14.28
C THR B 263 -8.14 -0.01 -13.21
N GLY B 264 -8.69 -0.98 -12.51
CA GLY B 264 -7.91 -1.68 -11.48
C GLY B 264 -7.76 -0.88 -10.20
N GLU B 265 -8.46 0.26 -10.11
CA GLU B 265 -8.20 1.29 -9.12
C GLU B 265 -9.27 1.21 -8.02
N ASN B 266 -8.92 1.76 -6.85
CA ASN B 266 -9.76 1.83 -5.67
C ASN B 266 -9.86 3.31 -5.21
N ILE B 267 -10.96 4.01 -5.50
CA ILE B 267 -11.05 5.42 -5.18
C ILE B 267 -11.82 5.64 -3.86
N HIS B 268 -11.13 6.17 -2.85
CA HIS B 268 -11.74 6.38 -1.56
C HIS B 268 -12.61 7.64 -1.53
N VAL B 269 -13.90 7.47 -1.27
CA VAL B 269 -14.77 8.62 -1.13
C VAL B 269 -15.11 8.69 0.34
N ASP B 270 -14.19 9.28 1.11
CA ASP B 270 -14.20 9.10 2.55
C ASP B 270 -13.59 10.27 3.31
N SER B 271 -13.67 11.46 2.73
CA SER B 271 -13.23 12.65 3.42
C SER B 271 -11.76 12.61 3.79
N GLY B 272 -11.00 11.74 3.14
CA GLY B 272 -9.56 11.67 3.33
C GLY B 272 -9.12 10.80 4.49
N PHE B 273 -10.09 10.16 5.15
CA PHE B 273 -9.81 9.31 6.30
C PHE B 273 -8.75 8.24 5.98
N HIS B 274 -8.77 7.70 4.78
CA HIS B 274 -7.80 6.68 4.33
C HIS B 274 -6.34 7.16 4.33
N ALA B 275 -6.13 8.46 4.27
CA ALA B 275 -4.78 9.02 4.21
C ALA B 275 -4.18 9.37 5.58
N ILE B 276 -4.97 9.35 6.65
CA ILE B 276 -4.45 9.72 7.97
C ILE B 276 -4.37 8.52 8.91
N LYS B 277 -3.63 8.66 10.01
CA LYS B 277 -3.42 7.54 10.96
C LYS B 277 -2.97 7.97 12.34
N ASN C 24 -21.66 21.89 -16.40
CA ASN C 24 -20.57 21.51 -15.47
C ASN C 24 -19.77 22.72 -14.91
N LEU C 25 -18.92 23.38 -15.70
CA LEU C 25 -17.87 24.25 -15.12
C LEU C 25 -17.78 25.74 -15.48
N GLU C 26 -18.82 26.32 -16.08
CA GLU C 26 -18.80 27.77 -16.36
C GLU C 26 -18.39 28.57 -15.11
N ASN C 27 -17.78 29.73 -15.33
CA ASN C 27 -17.44 30.65 -14.25
C ASN C 27 -16.52 30.10 -13.14
N LYS C 28 -15.99 28.90 -13.33
CA LYS C 28 -14.92 28.44 -12.46
C LYS C 28 -13.59 28.96 -13.01
N THR C 29 -12.63 29.18 -12.13
CA THR C 29 -11.31 29.65 -12.53
C THR C 29 -10.22 28.76 -11.94
N TYR C 30 -9.31 28.33 -12.81
CA TYR C 30 -8.20 27.50 -12.38
C TYR C 30 -6.86 27.99 -12.91
N VAL C 31 -5.86 27.98 -12.03
CA VAL C 31 -4.48 28.17 -12.46
C VAL C 31 -3.85 26.84 -12.91
N ILE C 32 -3.25 26.87 -14.09
CA ILE C 32 -2.54 25.71 -14.61
C ILE C 32 -1.08 26.06 -14.71
N MET C 33 -0.26 25.24 -14.06
CA MET C 33 1.16 25.48 -13.95
C MET C 33 1.98 24.35 -14.64
N GLY C 34 2.86 24.73 -15.56
CA GLY C 34 3.78 23.79 -16.19
C GLY C 34 3.52 23.34 -17.62
N ILE C 35 2.98 24.24 -18.45
CA ILE C 35 2.90 23.99 -19.88
C ILE C 35 4.18 24.51 -20.55
N ALA C 36 4.89 23.60 -21.20
CA ALA C 36 6.10 23.94 -21.98
C ALA C 36 5.83 23.98 -23.49
N ASN C 37 4.93 23.13 -23.96
CA ASN C 37 4.53 23.05 -25.37
C ASN C 37 3.23 22.25 -25.54
N LYS C 38 2.86 21.94 -26.78
CA LYS C 38 1.58 21.31 -27.09
C LYS C 38 1.48 19.87 -26.60
N ARG C 39 2.60 19.28 -26.23
CA ARG C 39 2.57 17.90 -25.75
C ARG C 39 2.61 17.77 -24.23
N SER C 40 2.77 18.89 -23.52
CA SER C 40 2.79 18.90 -22.05
C SER C 40 1.48 18.39 -21.46
N ILE C 41 1.58 17.57 -20.41
CA ILE C 41 0.39 17.02 -19.75
C ILE C 41 -0.59 18.12 -19.33
N ALA C 42 -0.05 19.23 -18.81
CA ALA C 42 -0.89 20.33 -18.40
C ALA C 42 -1.70 20.97 -19.59
N PHE C 43 -1.31 20.65 -20.82
CA PHE C 43 -2.05 21.14 -21.95
C PHE C 43 -3.25 20.27 -22.26
N GLY C 44 -3.19 19.02 -21.84
CA GLY C 44 -4.34 18.12 -21.94
C GLY C 44 -5.41 18.59 -20.96
N VAL C 45 -4.98 18.80 -19.72
CA VAL C 45 -5.82 19.36 -18.70
C VAL C 45 -6.45 20.65 -19.21
N ALA C 46 -5.61 21.58 -19.67
CA ALA C 46 -6.06 22.86 -20.27
C ALA C 46 -7.16 22.66 -21.29
N LYS C 47 -6.92 21.84 -22.28
CA LYS C 47 -7.91 21.64 -23.30
C LYS C 47 -9.24 21.14 -22.72
N VAL C 48 -9.20 20.23 -21.76
CA VAL C 48 -10.42 19.63 -21.25
C VAL C 48 -11.22 20.67 -20.51
N LEU C 49 -10.59 21.33 -19.54
CA LEU C 49 -11.26 22.36 -18.74
C LEU C 49 -11.75 23.51 -19.60
N ASP C 50 -10.97 23.86 -20.62
CA ASP C 50 -11.36 24.88 -21.58
C ASP C 50 -12.62 24.49 -22.32
N GLN C 51 -12.75 23.21 -22.62
CA GLN C 51 -13.94 22.76 -23.31
C GLN C 51 -15.15 22.77 -22.38
N LEU C 52 -14.91 22.57 -21.10
CA LEU C 52 -15.99 22.53 -20.12
C LEU C 52 -16.36 23.94 -19.69
N GLY C 53 -15.78 24.94 -20.35
CA GLY C 53 -16.20 26.35 -20.20
C GLY C 53 -15.59 27.12 -19.05
N ALA C 54 -14.52 26.58 -18.44
CA ALA C 54 -13.77 27.27 -17.39
C ALA C 54 -12.95 28.44 -17.95
N LYS C 55 -12.54 29.35 -17.07
CA LYS C 55 -11.53 30.32 -17.45
C LYS C 55 -10.20 29.93 -16.78
N LEU C 56 -9.10 30.19 -17.47
CA LEU C 56 -7.81 29.68 -17.02
C LEU C 56 -6.73 30.73 -16.87
N VAL C 57 -5.74 30.37 -16.04
CA VAL C 57 -4.60 31.19 -15.74
C VAL C 57 -3.40 30.28 -15.92
N PHE C 58 -2.43 30.77 -16.69
CA PHE C 58 -1.29 29.93 -17.01
C PHE C 58 -0.02 30.48 -16.42
N THR C 59 0.78 29.58 -15.86
CA THR C 59 2.10 29.96 -15.40
C THR C 59 3.20 29.22 -16.12
N TYR C 60 4.30 29.93 -16.40
CA TYR C 60 5.46 29.38 -17.11
C TYR C 60 6.78 29.72 -16.40
N ARG C 61 7.82 28.92 -16.63
CA ARG C 61 9.16 29.26 -16.10
C ARG C 61 9.93 30.30 -16.95
N LYS C 62 10.01 30.06 -18.25
CA LYS C 62 10.93 30.81 -19.13
C LYS C 62 10.21 31.55 -20.24
N GLU C 63 10.72 32.74 -20.59
CA GLU C 63 10.29 33.48 -21.80
C GLU C 63 10.40 32.64 -23.05
N ARG C 64 11.41 31.77 -23.03
CA ARG C 64 11.66 30.76 -24.05
C ARG C 64 10.45 29.82 -24.30
N SER C 65 9.45 29.90 -23.44
CA SER C 65 8.17 29.21 -23.69
C SER C 65 6.96 30.14 -23.51
N ARG C 66 7.20 31.46 -23.44
CA ARG C 66 6.10 32.42 -23.33
C ARG C 66 5.37 32.63 -24.66
N LYS C 67 6.09 33.13 -25.66
CA LYS C 67 5.55 33.28 -27.00
C LYS C 67 5.09 31.92 -27.54
N GLU C 68 5.77 30.85 -27.09
CA GLU C 68 5.27 29.50 -27.30
C GLU C 68 3.82 29.41 -26.86
N LEU C 69 3.55 29.80 -25.62
CA LEU C 69 2.23 29.64 -25.00
C LEU C 69 1.13 30.43 -25.66
N GLU C 70 1.45 31.66 -26.05
CA GLU C 70 0.52 32.53 -26.79
C GLU C 70 -0.03 31.84 -28.03
N LYS C 71 0.85 31.17 -28.78
CA LYS C 71 0.46 30.37 -29.94
C LYS C 71 -0.51 29.27 -29.53
N LEU C 72 -0.12 28.52 -28.50
CA LEU C 72 -0.93 27.42 -28.00
C LEU C 72 -2.31 27.85 -27.54
N LEU C 73 -2.41 29.04 -26.98
CA LEU C 73 -3.68 29.55 -26.49
C LEU C 73 -4.68 29.86 -27.60
N GLU C 74 -4.19 30.17 -28.80
CA GLU C 74 -5.07 30.40 -29.95
C GLU C 74 -5.99 29.21 -30.16
N GLN C 75 -5.53 28.04 -29.72
CA GLN C 75 -6.30 26.79 -29.84
C GLN C 75 -7.44 26.71 -28.83
N LEU C 76 -7.31 27.44 -27.72
CA LEU C 76 -8.30 27.46 -26.64
C LEU C 76 -9.23 28.65 -26.82
N ASN C 77 -10.35 28.68 -26.10
CA ASN C 77 -11.27 29.83 -26.18
C ASN C 77 -11.35 30.64 -24.89
N GLN C 78 -10.24 31.24 -24.53
CA GLN C 78 -10.22 32.16 -23.41
C GLN C 78 -10.64 33.53 -23.95
N PRO C 79 -11.48 34.27 -23.21
CA PRO C 79 -11.89 35.58 -23.71
C PRO C 79 -10.70 36.54 -23.76
N GLU C 80 -9.72 36.30 -22.89
CA GLU C 80 -8.44 37.00 -22.92
C GLU C 80 -7.36 36.18 -22.21
N ALA C 81 -6.10 36.59 -22.45
CA ALA C 81 -4.90 35.87 -21.99
C ALA C 81 -4.54 36.12 -20.52
N HIS C 82 -4.21 35.06 -19.80
CA HIS C 82 -3.73 35.21 -18.43
C HIS C 82 -2.46 34.41 -18.25
N LEU C 83 -1.32 35.09 -18.36
CA LEU C 83 -0.01 34.45 -18.39
C LEU C 83 0.94 35.06 -17.38
N TYR C 84 1.51 34.22 -16.50
CA TYR C 84 2.33 34.72 -15.42
C TYR C 84 3.61 33.93 -15.29
N GLN C 85 4.75 34.63 -15.29
CA GLN C 85 6.02 33.96 -15.09
C GLN C 85 6.22 33.54 -13.62
N ILE C 86 6.32 32.24 -13.36
CA ILE C 86 6.59 31.72 -12.01
C ILE C 86 7.62 30.60 -11.98
N ASP C 87 8.80 30.92 -11.43
CA ASP C 87 9.80 29.92 -11.12
C ASP C 87 9.68 29.51 -9.66
N VAL C 88 9.29 28.27 -9.44
CA VAL C 88 8.96 27.78 -8.10
C VAL C 88 10.16 27.62 -7.15
N GLN C 89 11.37 27.81 -7.68
CA GLN C 89 12.55 27.91 -6.84
C GLN C 89 12.60 29.20 -6.02
N SER C 90 11.84 30.22 -6.45
CA SER C 90 11.85 31.54 -5.81
C SER C 90 10.57 31.83 -5.02
N ASP C 91 10.70 31.84 -3.71
CA ASP C 91 9.58 32.19 -2.83
C ASP C 91 8.85 33.41 -3.38
N GLU C 92 9.60 34.49 -3.60
CA GLU C 92 9.08 35.79 -4.06
C GLU C 92 8.16 35.70 -5.28
N GLU C 93 8.59 34.95 -6.29
CA GLU C 93 7.83 34.87 -7.52
C GLU C 93 6.49 34.17 -7.33
N VAL C 94 6.46 33.20 -6.42
CA VAL C 94 5.22 32.45 -6.15
C VAL C 94 4.21 33.37 -5.45
N ILE C 95 4.72 34.09 -4.44
CA ILE C 95 3.91 35.03 -3.66
C ILE C 95 3.37 36.18 -4.54
N ASN C 96 4.27 36.86 -5.25
CA ASN C 96 3.90 37.95 -6.12
C ASN C 96 3.06 37.47 -7.27
N GLY C 97 3.36 36.27 -7.74
CA GLY C 97 2.59 35.67 -8.80
C GLY C 97 1.13 35.49 -8.40
N PHE C 98 0.91 34.87 -7.25
CA PHE C 98 -0.45 34.57 -6.81
C PHE C 98 -1.19 35.76 -6.25
N GLU C 99 -0.45 36.76 -5.79
CA GLU C 99 -1.07 38.02 -5.41
C GLU C 99 -1.57 38.69 -6.69
N GLN C 100 -0.80 38.57 -7.77
CA GLN C 100 -1.13 39.21 -9.04
C GLN C 100 -2.40 38.61 -9.63
N ILE C 101 -2.45 37.29 -9.60
CA ILE C 101 -3.63 36.56 -10.02
C ILE C 101 -4.85 37.05 -9.23
N GLY C 102 -4.67 37.23 -7.93
CA GLY C 102 -5.73 37.74 -7.08
C GLY C 102 -6.31 39.03 -7.60
N LYS C 103 -5.44 40.03 -7.78
CA LYS C 103 -5.82 41.35 -8.29
C LYS C 103 -6.38 41.29 -9.72
N ASP C 104 -5.97 40.26 -10.47
CA ASP C 104 -6.27 40.23 -11.90
C ASP C 104 -7.58 39.51 -12.25
N VAL C 105 -7.82 38.36 -11.62
CA VAL C 105 -9.01 37.57 -11.93
C VAL C 105 -9.99 37.43 -10.77
N GLY C 106 -9.54 37.73 -9.56
CA GLY C 106 -10.38 37.55 -8.38
C GLY C 106 -10.09 36.15 -7.86
N ASN C 107 -11.06 35.60 -7.12
CA ASN C 107 -10.84 34.33 -6.46
C ASN C 107 -10.94 33.19 -7.42
N ILE C 108 -10.22 32.11 -7.08
CA ILE C 108 -10.07 30.94 -7.93
C ILE C 108 -10.69 29.72 -7.26
N ASP C 109 -10.73 28.60 -8.00
CA ASP C 109 -11.43 27.40 -7.56
C ASP C 109 -10.50 26.22 -7.54
N GLY C 110 -9.37 26.33 -8.23
CA GLY C 110 -8.42 25.24 -8.20
C GLY C 110 -7.07 25.59 -8.77
N VAL C 111 -6.11 24.69 -8.51
CA VAL C 111 -4.80 24.78 -9.11
C VAL C 111 -4.36 23.38 -9.57
N TYR C 112 -3.98 23.28 -10.85
CA TYR C 112 -3.29 22.09 -11.38
C TYR C 112 -1.75 22.25 -11.46
N HIS C 113 -1.06 21.51 -10.60
CA HIS C 113 0.38 21.51 -10.53
C HIS C 113 0.97 20.46 -11.44
N SER C 114 1.78 20.89 -12.39
CA SER C 114 2.37 19.97 -13.36
C SER C 114 3.86 20.30 -13.52
N ILE C 115 4.57 20.31 -12.41
CA ILE C 115 5.95 20.74 -12.43
C ILE C 115 6.88 19.74 -11.73
N ALA C 116 8.00 19.46 -12.39
CA ALA C 116 9.06 18.66 -11.85
C ALA C 116 10.34 18.94 -12.61
N PHE C 117 11.46 18.59 -11.98
CA PHE C 117 12.77 18.72 -12.60
C PHE C 117 13.82 17.98 -11.77
N ALA C 118 14.83 17.45 -12.46
CA ALA C 118 16.06 16.93 -11.84
C ALA C 118 17.20 17.08 -12.85
N ASN C 119 18.44 16.99 -12.39
CA ASN C 119 19.58 17.09 -13.30
C ASN C 119 19.69 15.85 -14.17
N MET C 120 19.89 16.06 -15.48
CA MET C 120 19.81 14.95 -16.43
C MET C 120 20.75 13.80 -16.05
N GLU C 121 21.97 14.10 -15.61
CA GLU C 121 22.92 13.05 -15.19
C GLU C 121 22.58 12.34 -13.87
N ASP C 122 21.61 12.85 -13.13
CA ASP C 122 21.08 12.11 -12.00
C ASP C 122 20.05 11.06 -12.47
N LEU C 123 19.28 11.41 -13.50
CA LEU C 123 18.28 10.51 -14.11
C LEU C 123 18.87 9.33 -14.91
N ARG C 124 20.15 9.11 -14.70
CA ARG C 124 20.86 7.95 -15.26
C ARG C 124 22.02 7.62 -14.29
N GLY C 125 22.81 6.60 -14.61
CA GLY C 125 23.85 6.15 -13.69
C GLY C 125 23.26 5.65 -12.38
N ARG C 126 24.13 5.08 -11.55
CA ARG C 126 23.75 4.58 -10.24
C ARG C 126 23.04 5.66 -9.41
N PHE C 127 21.89 5.31 -8.84
CA PHE C 127 21.21 6.23 -7.94
C PHE C 127 22.08 6.54 -6.73
N SER C 128 22.86 5.57 -6.27
CA SER C 128 23.74 5.76 -5.12
C SER C 128 24.83 6.80 -5.37
N GLU C 129 25.02 7.16 -6.64
CA GLU C 129 26.05 8.13 -7.04
C GLU C 129 25.53 9.57 -7.06
N THR C 130 24.21 9.76 -6.91
CA THR C 130 23.64 11.10 -7.02
C THR C 130 24.18 12.08 -5.96
N SER C 131 24.42 13.33 -6.39
CA SER C 131 24.92 14.40 -5.54
C SER C 131 23.83 14.98 -4.62
N ARG C 132 24.28 15.51 -3.48
CA ARG C 132 23.42 16.21 -2.54
C ARG C 132 22.55 17.27 -3.21
N GLU C 133 23.17 18.11 -4.04
CA GLU C 133 22.48 19.22 -4.70
C GLU C 133 21.51 18.72 -5.74
N GLY C 134 21.89 17.68 -6.46
CA GLY C 134 20.94 16.98 -7.30
C GLY C 134 19.69 16.60 -6.51
N PHE C 135 19.89 15.92 -5.38
CA PHE C 135 18.79 15.40 -4.57
C PHE C 135 17.85 16.52 -4.13
N LEU C 136 18.46 17.55 -3.57
CA LEU C 136 17.74 18.64 -2.97
C LEU C 136 17.05 19.48 -4.03
N LEU C 137 17.70 19.65 -5.18
CA LEU C 137 17.10 20.39 -6.27
C LEU C 137 15.81 19.75 -6.74
N ALA C 138 15.83 18.43 -6.85
CA ALA C 138 14.67 17.66 -7.28
C ALA C 138 13.52 17.74 -6.28
N GLN C 139 13.84 17.58 -5.00
CA GLN C 139 12.84 17.74 -3.95
C GLN C 139 12.24 19.13 -4.02
N ASP C 140 13.12 20.12 -4.15
CA ASP C 140 12.76 21.52 -4.21
C ASP C 140 11.68 21.83 -5.25
N ILE C 141 11.93 21.42 -6.48
CA ILE C 141 11.04 21.79 -7.56
C ILE C 141 9.83 20.86 -7.66
N SER C 142 10.05 19.56 -7.50
CA SER C 142 9.02 18.55 -7.79
C SER C 142 8.08 18.28 -6.63
N SER C 143 8.49 18.68 -5.41
CA SER C 143 7.76 18.37 -4.19
C SER C 143 7.40 19.61 -3.36
N TYR C 144 8.42 20.35 -2.89
CA TYR C 144 8.15 21.51 -2.05
C TYR C 144 7.32 22.59 -2.75
N SER C 145 7.51 22.71 -4.06
CA SER C 145 6.82 23.74 -4.78
C SER C 145 5.31 23.65 -4.55
N LEU C 146 4.79 22.43 -4.48
CA LEU C 146 3.36 22.23 -4.22
C LEU C 146 2.95 22.94 -2.93
N THR C 147 3.84 22.88 -1.95
CA THR C 147 3.58 23.42 -0.63
C THR C 147 3.36 24.94 -0.63
N ILE C 148 4.35 25.73 -1.06
CA ILE C 148 4.11 27.22 -1.14
C ILE C 148 2.99 27.54 -2.12
N VAL C 149 2.93 26.79 -3.22
CA VAL C 149 1.90 27.02 -4.20
C VAL C 149 0.58 26.96 -3.45
N ALA C 150 0.33 25.83 -2.76
CA ALA C 150 -0.87 25.66 -1.94
C ALA C 150 -1.08 26.82 -0.95
N HIS C 151 -0.06 27.14 -0.17
CA HIS C 151 -0.16 28.19 0.85
C HIS C 151 -0.65 29.50 0.28
N GLU C 152 -0.12 29.87 -0.89
CA GLU C 152 -0.45 31.14 -1.54
C GLU C 152 -1.82 31.07 -2.22
N ALA C 153 -2.12 29.91 -2.80
CA ALA C 153 -3.38 29.67 -3.48
C ALA C 153 -4.55 29.72 -2.52
N LYS C 154 -4.30 29.23 -1.31
CA LYS C 154 -5.26 29.21 -0.21
C LYS C 154 -5.78 30.61 0.02
N LYS C 155 -4.92 31.60 -0.15
CA LYS C 155 -5.35 33.00 -0.07
C LYS C 155 -6.43 33.36 -1.09
N LEU C 156 -6.49 32.66 -2.20
CA LEU C 156 -7.45 32.99 -3.24
C LEU C 156 -8.69 32.11 -3.23
N MET C 157 -8.84 31.36 -2.14
CA MET C 157 -9.86 30.32 -2.03
C MET C 157 -10.63 30.42 -0.71
N PRO C 158 -11.45 31.47 -0.56
CA PRO C 158 -12.14 31.70 0.71
C PRO C 158 -13.11 30.60 1.10
N GLU C 159 -13.85 30.06 0.13
CA GLU C 159 -14.89 29.07 0.41
C GLU C 159 -14.50 27.70 -0.10
N GLY C 160 -13.20 27.39 -0.05
CA GLY C 160 -12.68 26.11 -0.49
C GLY C 160 -12.30 26.08 -1.96
N GLY C 161 -11.90 24.89 -2.43
CA GLY C 161 -11.37 24.67 -3.76
C GLY C 161 -10.68 23.31 -3.81
N SER C 162 -9.91 23.08 -4.89
CA SER C 162 -9.28 21.80 -5.16
C SER C 162 -7.91 21.94 -5.82
N ILE C 163 -6.91 21.25 -5.27
CA ILE C 163 -5.54 21.26 -5.78
C ILE C 163 -5.14 19.86 -6.22
N VAL C 164 -4.56 19.79 -7.44
CA VAL C 164 -4.13 18.56 -8.05
C VAL C 164 -2.69 18.65 -8.58
N ALA C 165 -1.86 17.67 -8.22
CA ALA C 165 -0.47 17.56 -8.65
C ALA C 165 -0.29 16.30 -9.47
N THR C 166 0.77 16.19 -10.27
CA THR C 166 0.96 15.03 -11.14
C THR C 166 2.10 14.15 -10.66
N THR C 167 1.85 12.86 -10.52
CA THR C 167 2.94 11.97 -10.14
C THR C 167 3.13 10.80 -11.09
N TYR C 168 4.08 9.95 -10.75
CA TYR C 168 4.36 8.79 -11.56
C TYR C 168 4.55 7.65 -10.63
N LEU C 169 4.17 6.47 -11.09
CA LEU C 169 4.32 5.21 -10.37
C LEU C 169 5.72 5.02 -9.70
N GLY C 170 6.73 5.63 -10.31
CA GLY C 170 8.10 5.54 -9.84
C GLY C 170 8.20 6.06 -8.44
N GLY C 171 7.14 6.70 -7.99
CA GLY C 171 7.09 7.25 -6.63
C GLY C 171 6.71 6.20 -5.59
N GLU C 172 6.12 5.09 -6.03
CA GLU C 172 5.66 4.07 -5.13
C GLU C 172 6.56 2.86 -5.19
N PHE C 173 7.22 2.64 -6.33
CA PHE C 173 8.14 1.51 -6.53
C PHE C 173 9.44 1.95 -7.19
N ALA C 174 10.51 1.20 -6.94
CA ALA C 174 11.73 1.49 -7.67
C ALA C 174 11.57 1.09 -9.16
N VAL C 175 11.71 2.07 -10.06
CA VAL C 175 11.66 1.89 -11.51
C VAL C 175 13.10 2.11 -12.01
N GLN C 176 13.41 1.67 -13.23
CA GLN C 176 14.83 1.49 -13.55
C GLN C 176 15.69 2.75 -13.87
N ASN C 177 15.09 3.87 -14.28
CA ASN C 177 15.93 5.03 -14.61
C ASN C 177 15.43 6.33 -14.02
N TYR C 178 14.56 6.19 -13.04
CA TYR C 178 13.84 7.31 -12.51
C TYR C 178 14.62 7.90 -11.34
N ASN C 179 15.31 7.03 -10.60
CA ASN C 179 16.22 7.41 -9.49
C ASN C 179 15.75 8.60 -8.63
N VAL C 180 16.46 9.74 -8.72
CA VAL C 180 16.19 10.89 -7.89
C VAL C 180 14.76 11.40 -8.01
N MET C 181 14.21 11.33 -9.21
CA MET C 181 12.85 11.79 -9.43
C MET C 181 11.89 10.85 -8.74
N GLY C 182 12.26 9.59 -8.61
CA GLY C 182 11.45 8.64 -7.86
C GLY C 182 11.29 9.13 -6.44
N VAL C 183 12.42 9.46 -5.82
CA VAL C 183 12.43 9.91 -4.45
C VAL C 183 11.70 11.26 -4.29
N ALA C 184 11.67 12.05 -5.38
CA ALA C 184 10.92 13.29 -5.34
C ALA C 184 9.43 13.02 -5.43
N LYS C 185 9.04 12.01 -6.20
CA LYS C 185 7.63 11.65 -6.28
C LYS C 185 7.10 11.05 -4.98
N ALA C 186 7.90 10.21 -4.32
CA ALA C 186 7.49 9.66 -3.03
C ALA C 186 7.18 10.79 -2.08
N SER C 187 8.01 11.81 -2.17
CA SER C 187 7.94 13.01 -1.37
C SER C 187 6.70 13.82 -1.74
N LEU C 188 6.41 13.93 -3.04
CA LEU C 188 5.28 14.69 -3.50
C LEU C 188 3.99 14.05 -3.02
N GLU C 189 3.90 12.74 -3.13
CA GLU C 189 2.69 12.06 -2.76
C GLU C 189 2.40 12.27 -1.28
N ALA C 190 3.42 12.24 -0.40
CA ALA C 190 3.20 12.46 1.05
C ALA C 190 2.78 13.93 1.35
N ASN C 191 3.40 14.83 0.58
CA ASN C 191 3.07 16.22 0.56
C ASN C 191 1.59 16.40 0.28
N VAL C 192 1.06 15.65 -0.67
CA VAL C 192 -0.38 15.71 -0.95
C VAL C 192 -1.19 15.30 0.28
N LYS C 193 -0.80 14.18 0.90
CA LYS C 193 -1.47 13.70 2.11
C LYS C 193 -1.42 14.74 3.23
N TYR C 194 -0.23 15.24 3.52
CA TYR C 194 -0.08 16.26 4.58
C TYR C 194 -0.80 17.54 4.27
N LEU C 195 -0.92 17.89 2.99
CA LEU C 195 -1.69 19.09 2.64
C LEU C 195 -3.21 18.90 2.72
N ALA C 196 -3.68 17.72 2.38
CA ALA C 196 -5.09 17.36 2.51
C ALA C 196 -5.55 17.47 3.95
N LEU C 197 -4.69 17.00 4.85
CA LEU C 197 -5.00 16.99 6.26
C LEU C 197 -5.11 18.42 6.77
N ASP C 198 -4.12 19.24 6.42
CA ASP C 198 -4.01 20.64 6.85
C ASP C 198 -5.07 21.54 6.23
N LEU C 199 -5.35 21.40 4.93
CA LEU C 199 -6.26 22.33 4.27
C LEU C 199 -7.70 21.84 4.26
N GLY C 200 -7.94 20.70 4.88
CA GLY C 200 -9.25 20.06 4.76
C GLY C 200 -10.26 20.90 5.47
N PRO C 201 -9.89 21.37 6.67
CA PRO C 201 -10.86 22.21 7.39
C PRO C 201 -11.26 23.52 6.67
N ASP C 202 -10.40 24.05 5.81
CA ASP C 202 -10.72 25.19 4.97
C ASP C 202 -11.42 24.79 3.67
N ASN C 203 -11.90 23.55 3.59
CA ASN C 203 -12.60 23.03 2.42
C ASN C 203 -11.75 23.04 1.16
N ILE C 204 -10.47 22.75 1.29
CA ILE C 204 -9.61 22.66 0.14
C ILE C 204 -9.11 21.22 0.06
N ARG C 205 -9.39 20.58 -1.08
CA ARG C 205 -9.03 19.19 -1.30
C ARG C 205 -7.70 19.14 -2.03
N VAL C 206 -6.82 18.22 -1.63
CA VAL C 206 -5.51 17.99 -2.30
C VAL C 206 -5.41 16.55 -2.77
N ASN C 207 -5.24 16.37 -4.08
CA ASN C 207 -5.16 15.05 -4.71
C ASN C 207 -4.06 14.99 -5.76
N ALA C 208 -3.69 13.77 -6.14
CA ALA C 208 -2.66 13.55 -7.15
C ALA C 208 -3.12 12.55 -8.21
N ILE C 209 -2.58 12.70 -9.42
CA ILE C 209 -2.84 11.81 -10.54
C ILE C 209 -1.50 11.20 -10.86
N SER C 210 -1.42 9.87 -10.75
CA SER C 210 -0.26 9.11 -11.15
C SER C 210 -0.48 8.74 -12.61
N ALA C 211 0.11 9.52 -13.53
CA ALA C 211 -0.02 9.27 -14.99
C ALA C 211 0.87 8.13 -15.42
N GLY C 212 0.48 7.46 -16.50
CA GLY C 212 1.32 6.45 -17.13
C GLY C 212 2.22 7.19 -18.10
N PRO C 213 3.24 6.50 -18.63
CA PRO C 213 4.12 7.24 -19.53
C PRO C 213 3.39 7.84 -20.74
N ILE C 214 3.76 9.08 -21.06
CA ILE C 214 3.25 9.84 -22.20
C ILE C 214 4.43 10.57 -22.87
N ARG C 215 4.42 10.64 -24.20
CA ARG C 215 5.53 11.30 -24.90
C ARG C 215 5.42 12.81 -24.86
N THR C 216 6.28 13.38 -24.02
CA THR C 216 6.38 14.82 -23.76
C THR C 216 7.84 15.29 -23.85
N LEU C 217 8.05 16.60 -23.73
CA LEU C 217 9.39 17.19 -23.70
C LEU C 217 10.26 16.68 -22.54
N SER C 218 9.68 16.55 -21.35
CA SER C 218 10.45 16.10 -20.19
C SER C 218 10.69 14.59 -20.19
N ALA C 219 9.80 13.87 -20.87
CA ALA C 219 9.91 12.42 -21.06
C ALA C 219 11.27 12.02 -21.63
N LYS C 220 11.85 12.91 -22.45
CA LYS C 220 13.16 12.66 -23.11
C LYS C 220 14.34 12.55 -22.14
N GLY C 221 14.21 13.16 -20.96
CA GLY C 221 15.20 13.02 -19.89
C GLY C 221 15.27 11.63 -19.29
N VAL C 222 14.13 10.94 -19.23
CA VAL C 222 14.04 9.61 -18.61
C VAL C 222 14.55 8.51 -19.54
N GLY C 223 15.64 7.85 -19.16
CA GLY C 223 16.20 6.73 -19.93
C GLY C 223 15.27 5.52 -20.05
N GLY C 224 15.40 4.78 -21.16
CA GLY C 224 14.62 3.57 -21.43
C GLY C 224 13.14 3.78 -21.66
N PHE C 225 12.74 5.06 -21.75
CA PHE C 225 11.36 5.48 -21.96
C PHE C 225 10.58 4.67 -23.03
N ASN C 226 11.24 4.35 -24.15
CA ASN C 226 10.63 3.50 -25.16
C ASN C 226 10.16 2.15 -24.64
N THR C 227 11.06 1.39 -23.98
CA THR C 227 10.69 0.07 -23.48
C THR C 227 9.60 0.17 -22.41
N ILE C 228 9.63 1.26 -21.64
CA ILE C 228 8.55 1.58 -20.68
C ILE C 228 7.20 1.65 -21.40
N LEU C 229 7.16 2.45 -22.47
CA LEU C 229 5.99 2.64 -23.32
C LEU C 229 5.40 1.33 -23.79
N LYS C 230 6.27 0.40 -24.20
CA LYS C 230 5.83 -0.88 -24.71
C LYS C 230 5.34 -1.83 -23.64
N GLU C 231 5.92 -1.76 -22.45
CA GLU C 231 5.53 -2.66 -21.37
C GLU C 231 4.07 -2.45 -21.01
N ILE C 232 3.69 -1.18 -21.07
CA ILE C 232 2.29 -0.77 -20.93
C ILE C 232 1.42 -1.47 -21.96
N GLU C 233 1.75 -1.30 -23.24
CA GLU C 233 0.97 -1.89 -24.31
C GLU C 233 0.85 -3.40 -24.17
N GLU C 234 1.86 -4.02 -23.55
CA GLU C 234 1.98 -5.48 -23.54
C GLU C 234 1.40 -6.12 -22.30
N ARG C 235 1.55 -5.42 -21.16
CA ARG C 235 1.33 -6.06 -19.88
C ARG C 235 0.18 -5.43 -19.13
N ALA C 236 -0.10 -4.17 -19.45
CA ALA C 236 -1.16 -3.37 -18.80
C ALA C 236 -2.54 -3.88 -19.15
N PRO C 237 -3.47 -3.93 -18.18
CA PRO C 237 -4.78 -4.48 -18.46
C PRO C 237 -5.44 -3.99 -19.72
N LEU C 238 -5.41 -2.67 -19.97
CA LEU C 238 -6.09 -2.12 -21.17
C LEU C 238 -5.27 -2.30 -22.41
N LYS C 239 -4.01 -2.66 -22.22
CA LYS C 239 -3.14 -3.04 -23.33
C LYS C 239 -2.91 -1.93 -24.33
N ARG C 240 -2.80 -0.71 -23.82
CA ARG C 240 -2.56 0.50 -24.59
C ARG C 240 -2.08 1.64 -23.67
N ASN C 241 -1.41 2.63 -24.25
CA ASN C 241 -0.92 3.77 -23.47
C ASN C 241 -2.00 4.81 -23.31
N VAL C 242 -1.91 5.61 -22.26
CA VAL C 242 -2.79 6.77 -22.07
C VAL C 242 -2.25 8.02 -22.79
N ASP C 243 -2.98 9.13 -22.69
CA ASP C 243 -2.51 10.38 -23.27
C ASP C 243 -2.98 11.57 -22.46
N GLN C 244 -2.50 12.74 -22.85
CA GLN C 244 -2.70 13.97 -22.08
C GLN C 244 -4.16 14.28 -21.86
N VAL C 245 -4.98 14.05 -22.87
CA VAL C 245 -6.40 14.31 -22.74
C VAL C 245 -7.04 13.38 -21.72
N GLU C 246 -6.60 12.13 -21.67
CA GLU C 246 -7.08 11.18 -20.68
C GLU C 246 -6.68 11.54 -19.24
N VAL C 247 -5.49 12.11 -19.07
CA VAL C 247 -5.12 12.66 -17.77
C VAL C 247 -6.01 13.86 -17.53
N GLY C 248 -6.23 14.64 -18.57
CA GLY C 248 -7.04 15.85 -18.46
C GLY C 248 -8.46 15.61 -18.00
N LYS C 249 -9.04 14.48 -18.38
CA LYS C 249 -10.40 14.18 -17.98
C LYS C 249 -10.54 13.83 -16.49
N THR C 250 -9.56 13.12 -15.92
CA THR C 250 -9.54 12.88 -14.50
C THR C 250 -9.29 14.21 -13.73
N ALA C 251 -8.38 15.02 -14.24
CA ALA C 251 -8.16 16.32 -13.65
C ALA C 251 -9.49 17.04 -13.53
N ALA C 252 -10.31 17.05 -14.58
CA ALA C 252 -11.59 17.74 -14.53
C ALA C 252 -12.47 17.19 -13.42
N TYR C 253 -12.38 15.88 -13.17
CA TYR C 253 -13.14 15.28 -12.08
C TYR C 253 -12.59 15.73 -10.72
N LEU C 254 -11.28 15.60 -10.52
CA LEU C 254 -10.68 16.01 -9.25
C LEU C 254 -10.92 17.47 -8.91
N LEU C 255 -10.98 18.33 -9.93
CA LEU C 255 -11.11 19.77 -9.73
C LEU C 255 -12.54 20.20 -9.55
N SER C 256 -13.52 19.39 -9.93
CA SER C 256 -14.91 19.84 -9.88
C SER C 256 -15.55 19.28 -8.61
N ASP C 257 -16.82 19.64 -8.38
CA ASP C 257 -17.59 19.09 -7.26
C ASP C 257 -17.90 17.55 -7.34
N LEU C 258 -17.68 16.93 -8.51
CA LEU C 258 -17.87 15.49 -8.66
C LEU C 258 -17.03 14.67 -7.68
N SER C 259 -15.94 15.27 -7.18
CA SER C 259 -15.05 14.56 -6.29
C SER C 259 -15.08 15.14 -4.91
N SER C 260 -16.19 15.78 -4.55
CA SER C 260 -16.27 16.52 -3.28
C SER C 260 -15.90 15.64 -2.08
N GLY C 261 -16.20 14.35 -2.15
CA GLY C 261 -15.84 13.45 -1.07
C GLY C 261 -14.36 13.08 -1.04
N VAL C 262 -13.62 13.53 -2.04
CA VAL C 262 -12.31 12.97 -2.34
C VAL C 262 -11.12 13.88 -2.10
N THR C 263 -10.28 13.45 -1.17
CA THR C 263 -9.06 14.19 -0.88
C THR C 263 -7.98 13.24 -0.36
N GLY C 264 -6.72 13.63 -0.49
CA GLY C 264 -5.61 12.83 0.04
C GLY C 264 -5.37 11.59 -0.82
N GLU C 265 -5.98 11.61 -2.00
CA GLU C 265 -6.06 10.42 -2.84
C GLU C 265 -5.04 10.47 -3.98
N ASN C 266 -4.70 9.29 -4.50
CA ASN C 266 -3.77 9.15 -5.61
C ASN C 266 -4.45 8.31 -6.69
N ILE C 267 -4.88 8.94 -7.80
CA ILE C 267 -5.65 8.25 -8.83
C ILE C 267 -4.79 7.93 -10.05
N HIS C 268 -4.58 6.65 -10.28
CA HIS C 268 -3.73 6.20 -11.37
C HIS C 268 -4.41 6.29 -12.75
N VAL C 269 -3.91 7.15 -13.62
CA VAL C 269 -4.44 7.15 -14.96
C VAL C 269 -3.39 6.50 -15.86
N ASP C 270 -3.39 5.16 -15.88
CA ASP C 270 -2.27 4.42 -16.40
C ASP C 270 -2.65 3.05 -16.93
N SER C 271 -3.88 2.92 -17.40
CA SER C 271 -4.31 1.71 -18.11
C SER C 271 -4.27 0.46 -17.28
N GLY C 272 -4.22 0.64 -15.95
CA GLY C 272 -4.29 -0.43 -14.97
C GLY C 272 -2.94 -0.97 -14.63
N PHE C 273 -1.87 -0.30 -15.09
CA PHE C 273 -0.51 -0.85 -14.93
C PHE C 273 -0.16 -1.02 -13.45
N HIS C 274 -0.56 -0.03 -12.66
CA HIS C 274 -0.32 -0.04 -11.22
C HIS C 274 -0.85 -1.30 -10.49
N ALA C 275 -1.82 -1.99 -11.10
CA ALA C 275 -2.55 -3.05 -10.42
C ALA C 275 -1.93 -4.43 -10.69
N ILE C 276 -1.03 -4.49 -11.68
CA ILE C 276 -0.46 -5.75 -12.11
C ILE C 276 1.02 -5.87 -11.75
N LYS C 277 1.56 -7.08 -11.77
CA LYS C 277 2.96 -7.29 -11.35
C LYS C 277 3.57 -8.59 -11.88
N ASN D 24 25.64 -16.85 16.38
CA ASN D 24 25.06 -15.89 15.40
C ASN D 24 26.08 -14.88 14.80
N LEU D 25 26.60 -13.91 15.57
CA LEU D 25 27.25 -12.72 14.95
C LEU D 25 28.70 -12.34 15.30
N GLU D 26 29.48 -13.26 15.87
CA GLU D 26 30.90 -12.98 16.14
C GLU D 26 31.58 -12.43 14.89
N ASN D 27 32.58 -11.58 15.09
CA ASN D 27 33.46 -11.11 14.00
C ASN D 27 32.75 -10.33 12.88
N LYS D 28 31.47 -10.05 13.06
CA LYS D 28 30.79 -9.12 12.19
C LYS D 28 31.06 -7.71 12.74
N THR D 29 31.11 -6.73 11.84
CA THR D 29 31.35 -5.34 12.21
C THR D 29 30.27 -4.46 11.64
N TYR D 30 29.69 -3.61 12.49
CA TYR D 30 28.64 -2.67 12.06
C TYR D 30 28.87 -1.24 12.54
N VAL D 31 28.58 -0.28 11.68
CA VAL D 31 28.61 1.13 12.05
C VAL D 31 27.22 1.55 12.51
N ILE D 32 27.15 2.08 13.73
CA ILE D 32 25.89 2.56 14.27
C ILE D 32 25.91 4.08 14.31
N MET D 33 24.92 4.71 13.69
CA MET D 33 24.88 6.15 13.51
C MET D 33 23.66 6.76 14.23
N GLY D 34 23.90 7.66 15.17
CA GLY D 34 22.82 8.46 15.76
C GLY D 34 22.43 8.13 17.19
N ILE D 35 23.41 7.78 18.00
CA ILE D 35 23.20 7.70 19.44
C ILE D 35 23.47 9.08 20.04
N ALA D 36 22.46 9.63 20.72
CA ALA D 36 22.59 10.88 21.48
C ALA D 36 22.73 10.62 23.00
N ASN D 37 22.02 9.62 23.50
CA ASN D 37 22.04 9.19 24.90
C ASN D 37 21.51 7.77 25.09
N LYS D 38 21.35 7.35 26.34
CA LYS D 38 20.91 5.98 26.66
C LYS D 38 19.49 5.60 26.16
N ARG D 39 18.71 6.59 25.76
CA ARG D 39 17.34 6.31 25.34
C ARG D 39 17.18 6.28 23.82
N SER D 40 18.27 6.58 23.09
CA SER D 40 18.27 6.64 21.65
C SER D 40 17.98 5.28 21.08
N ILE D 41 17.17 5.23 20.03
CA ILE D 41 16.82 3.96 19.41
C ILE D 41 18.09 3.20 19.00
N ALA D 42 19.07 3.93 18.46
CA ALA D 42 20.31 3.31 18.01
C ALA D 42 21.07 2.64 19.16
N PHE D 43 20.73 3.02 20.40
CA PHE D 43 21.34 2.38 21.56
C PHE D 43 20.67 1.03 21.89
N GLY D 44 19.44 0.84 21.40
CA GLY D 44 18.71 -0.42 21.57
C GLY D 44 19.39 -1.44 20.66
N VAL D 45 19.51 -1.02 19.41
CA VAL D 45 20.25 -1.76 18.39
C VAL D 45 21.64 -2.13 18.91
N ALA D 46 22.39 -1.12 19.36
CA ALA D 46 23.73 -1.30 19.90
C ALA D 46 23.79 -2.42 20.95
N LYS D 47 22.89 -2.36 21.93
CA LYS D 47 22.88 -3.33 23.01
C LYS D 47 22.64 -4.75 22.51
N VAL D 48 21.71 -4.91 21.58
CA VAL D 48 21.38 -6.22 21.03
C VAL D 48 22.59 -6.82 20.29
N LEU D 49 23.13 -6.07 19.33
CA LEU D 49 24.25 -6.54 18.52
C LEU D 49 25.48 -6.81 19.37
N ASP D 50 25.69 -5.94 20.35
CA ASP D 50 26.78 -6.12 21.29
C ASP D 50 26.60 -7.43 22.02
N GLN D 51 25.37 -7.73 22.41
CA GLN D 51 25.11 -8.99 23.10
C GLN D 51 25.34 -10.21 22.20
N LEU D 52 25.07 -10.05 20.90
CA LEU D 52 25.28 -11.11 19.92
C LEU D 52 26.73 -11.20 19.48
N GLY D 53 27.59 -10.46 20.17
CA GLY D 53 29.04 -10.61 20.03
C GLY D 53 29.70 -9.85 18.88
N ALA D 54 28.95 -8.95 18.24
CA ALA D 54 29.48 -8.11 17.16
C ALA D 54 30.47 -7.06 17.68
N LYS D 55 31.29 -6.52 16.78
CA LYS D 55 32.06 -5.35 17.14
C LYS D 55 31.43 -4.13 16.47
N LEU D 56 31.51 -2.97 17.14
CA LEU D 56 30.77 -1.81 16.68
C LEU D 56 31.59 -0.54 16.48
N VAL D 57 31.05 0.33 15.65
CA VAL D 57 31.64 1.60 15.31
C VAL D 57 30.54 2.63 15.47
N PHE D 58 30.79 3.70 16.23
CA PHE D 58 29.74 4.67 16.53
C PHE D 58 30.05 6.02 15.92
N THR D 59 29.04 6.64 15.35
CA THR D 59 29.17 8.00 14.86
C THR D 59 28.20 8.93 15.55
N TYR D 60 28.67 10.14 15.82
CA TYR D 60 27.94 11.18 16.54
C TYR D 60 28.03 12.52 15.80
N ARG D 61 27.07 13.42 16.04
CA ARG D 61 27.16 14.76 15.47
C ARG D 61 28.04 15.71 16.29
N LYS D 62 27.80 15.78 17.61
CA LYS D 62 28.39 16.82 18.46
C LYS D 62 29.27 16.26 19.57
N GLU D 63 30.35 16.98 19.90
CA GLU D 63 31.17 16.73 21.12
C GLU D 63 30.32 16.70 22.38
N ARG D 64 29.28 17.53 22.38
CA ARG D 64 28.25 17.61 23.44
C ARG D 64 27.54 16.26 23.70
N SER D 65 27.80 15.27 22.84
CA SER D 65 27.37 13.92 23.13
C SER D 65 28.53 12.91 22.99
N ARG D 66 29.77 13.41 22.90
CA ARG D 66 30.91 12.50 22.76
C ARG D 66 31.29 11.83 24.08
N LYS D 67 31.68 12.64 25.05
CA LYS D 67 31.90 12.14 26.40
C LYS D 67 30.65 11.45 26.95
N GLU D 68 29.47 11.92 26.53
CA GLU D 68 28.24 11.19 26.78
C GLU D 68 28.46 9.73 26.37
N LEU D 69 28.85 9.52 25.11
CA LEU D 69 28.91 8.19 24.51
C LEU D 69 29.90 7.27 25.19
N GLU D 70 31.05 7.83 25.56
CA GLU D 70 32.08 7.08 26.24
C GLU D 70 31.53 6.43 27.48
N LYS D 71 30.71 7.16 28.22
CA LYS D 71 30.02 6.63 29.40
C LYS D 71 29.06 5.50 28.99
N LEU D 72 28.25 5.74 27.97
CA LEU D 72 27.33 4.71 27.52
C LEU D 72 28.05 3.44 27.15
N LEU D 73 29.22 3.58 26.53
CA LEU D 73 29.96 2.41 26.07
C LEU D 73 30.47 1.49 27.18
N GLU D 74 30.66 2.02 28.39
CA GLU D 74 31.05 1.20 29.55
C GLU D 74 30.06 0.08 29.79
N GLN D 75 28.82 0.32 29.34
CA GLN D 75 27.73 -0.63 29.48
C GLN D 75 27.87 -1.81 28.50
N LEU D 76 28.50 -1.57 27.35
CA LEU D 76 28.71 -2.61 26.32
C LEU D 76 30.08 -3.26 26.47
N ASN D 77 30.33 -4.36 25.76
CA ASN D 77 31.63 -5.04 25.85
C ASN D 77 32.40 -4.98 24.54
N GLN D 78 32.72 -3.77 24.11
CA GLN D 78 33.67 -3.61 23.04
C GLN D 78 35.09 -3.79 23.60
N PRO D 79 35.97 -4.49 22.86
CA PRO D 79 37.34 -4.65 23.36
C PRO D 79 38.07 -3.30 23.35
N GLU D 80 37.65 -2.39 22.46
CA GLU D 80 38.10 -0.99 22.46
C GLU D 80 37.09 -0.08 21.77
N ALA D 81 37.26 1.22 21.99
CA ALA D 81 36.34 2.26 21.54
C ALA D 81 36.51 2.62 20.06
N HIS D 82 35.40 2.76 19.35
CA HIS D 82 35.43 3.24 17.96
C HIS D 82 34.38 4.35 17.73
N LEU D 83 34.83 5.60 17.84
CA LEU D 83 33.94 6.77 17.84
C LEU D 83 34.38 7.79 16.81
N TYR D 84 33.46 8.17 15.93
CA TYR D 84 33.80 9.07 14.83
C TYR D 84 32.77 10.18 14.68
N GLN D 85 33.23 11.42 14.66
CA GLN D 85 32.33 12.54 14.46
C GLN D 85 31.89 12.61 13.00
N ILE D 86 30.59 12.46 12.74
CA ILE D 86 30.04 12.62 11.39
C ILE D 86 28.75 13.45 11.38
N ASP D 87 28.84 14.64 10.80
CA ASP D 87 27.67 15.44 10.50
C ASP D 87 27.28 15.23 9.03
N VAL D 88 26.10 14.66 8.84
CA VAL D 88 25.71 14.17 7.53
C VAL D 88 25.37 15.27 6.54
N GLN D 89 25.32 16.50 7.05
CA GLN D 89 25.15 17.66 6.20
C GLN D 89 26.40 17.92 5.37
N SER D 90 27.53 17.39 5.80
CA SER D 90 28.83 17.65 5.15
C SER D 90 29.33 16.44 4.40
N ASP D 91 29.35 16.56 3.07
CA ASP D 91 29.86 15.52 2.19
C ASP D 91 31.22 15.06 2.72
N GLU D 92 32.11 16.02 2.96
CA GLU D 92 33.48 15.74 3.40
C GLU D 92 33.59 14.83 4.62
N GLU D 93 32.78 15.12 5.64
CA GLU D 93 32.82 14.36 6.89
C GLU D 93 32.39 12.92 6.74
N VAL D 94 31.41 12.69 5.86
CA VAL D 94 30.91 11.34 5.61
C VAL D 94 32.00 10.52 4.89
N ILE D 95 32.65 11.17 3.92
CA ILE D 95 33.71 10.55 3.11
C ILE D 95 34.95 10.23 3.97
N ASN D 96 35.47 11.24 4.64
CA ASN D 96 36.63 11.08 5.51
C ASN D 96 36.33 10.17 6.67
N GLY D 97 35.09 10.24 7.15
CA GLY D 97 34.63 9.40 8.24
C GLY D 97 34.74 7.93 7.85
N PHE D 98 34.13 7.58 6.72
CA PHE D 98 34.11 6.19 6.29
C PHE D 98 35.44 5.68 5.78
N GLU D 99 36.28 6.57 5.25
CA GLU D 99 37.62 6.19 4.88
C GLU D 99 38.41 5.86 6.14
N GLN D 100 38.16 6.62 7.20
CA GLN D 100 38.83 6.38 8.47
C GLN D 100 38.42 5.06 9.07
N ILE D 101 37.13 4.77 9.09
CA ILE D 101 36.63 3.48 9.54
C ILE D 101 37.34 2.35 8.78
N GLY D 102 37.54 2.56 7.48
CA GLY D 102 38.24 1.58 6.64
C GLY D 102 39.63 1.27 7.14
N LYS D 103 40.45 2.32 7.29
CA LYS D 103 41.82 2.17 7.76
C LYS D 103 41.89 1.64 9.19
N ASP D 104 40.82 1.87 9.97
CA ASP D 104 40.83 1.57 11.40
C ASP D 104 40.35 0.15 11.77
N VAL D 105 39.27 -0.30 11.14
CA VAL D 105 38.69 -1.60 11.48
C VAL D 105 38.71 -2.62 10.34
N GLY D 106 38.99 -2.16 9.13
CA GLY D 106 38.89 -3.03 7.96
C GLY D 106 37.46 -3.01 7.44
N ASN D 107 37.08 -4.06 6.73
CA ASN D 107 35.78 -4.10 6.09
C ASN D 107 34.63 -4.36 7.05
N ILE D 108 33.47 -3.87 6.69
CA ILE D 108 32.30 -3.93 7.55
C ILE D 108 31.22 -4.78 6.93
N ASP D 109 30.18 -5.04 7.70
CA ASP D 109 29.12 -5.95 7.29
C ASP D 109 27.77 -5.25 7.24
N GLY D 110 27.66 -4.13 7.93
CA GLY D 110 26.42 -3.41 7.93
C GLY D 110 26.52 -1.98 8.38
N VAL D 111 25.44 -1.23 8.18
CA VAL D 111 25.29 0.09 8.73
C VAL D 111 23.86 0.25 9.25
N TYR D 112 23.72 0.72 10.50
CA TYR D 112 22.43 1.17 11.04
C TYR D 112 22.31 2.70 11.10
N HIS D 113 21.39 3.23 10.30
CA HIS D 113 21.17 4.66 10.15
C HIS D 113 20.04 5.03 11.08
N SER D 114 20.31 5.89 12.05
CA SER D 114 19.26 6.31 12.98
C SER D 114 19.24 7.84 13.11
N ILE D 115 19.09 8.52 11.98
CA ILE D 115 19.31 9.96 11.95
C ILE D 115 18.18 10.68 11.24
N ALA D 116 17.69 11.72 11.91
CA ALA D 116 16.70 12.64 11.36
C ALA D 116 16.80 13.94 12.09
N PHE D 117 16.23 14.97 11.49
CA PHE D 117 16.12 16.29 12.10
C PHE D 117 15.20 17.15 11.27
N ALA D 118 14.54 18.09 11.95
CA ALA D 118 13.80 19.17 11.33
C ALA D 118 13.73 20.36 12.31
N ASN D 119 13.40 21.56 11.81
CA ASN D 119 13.26 22.73 12.69
C ASN D 119 12.02 22.63 13.54
N MET D 120 12.15 22.96 14.83
CA MET D 120 11.09 22.59 15.77
C MET D 120 9.76 23.26 15.54
N GLU D 121 9.84 24.48 15.00
CA GLU D 121 8.65 25.23 14.63
C GLU D 121 8.02 24.77 13.35
N ASP D 122 8.73 23.95 12.59
CA ASP D 122 8.08 23.31 11.47
C ASP D 122 7.25 22.14 11.99
N LEU D 123 7.74 21.43 13.01
CA LEU D 123 7.03 20.25 13.57
C LEU D 123 5.77 20.62 14.38
N ARG D 124 5.32 21.83 14.17
CA ARG D 124 4.07 22.29 14.74
C ARG D 124 3.57 23.37 13.78
N GLY D 125 2.45 23.99 14.11
CA GLY D 125 1.76 24.84 13.14
C GLY D 125 1.36 24.14 11.86
N ARG D 126 0.61 24.86 11.01
CA ARG D 126 0.16 24.42 9.71
C ARG D 126 1.34 23.92 8.89
N PHE D 127 1.22 22.71 8.35
CA PHE D 127 2.24 22.19 7.48
C PHE D 127 2.38 23.12 6.25
N SER D 128 1.28 23.70 5.80
CA SER D 128 1.28 24.56 4.62
C SER D 128 2.14 25.81 4.84
N GLU D 129 2.46 26.07 6.09
CA GLU D 129 3.21 27.28 6.44
C GLU D 129 4.74 27.02 6.42
N THR D 130 5.16 25.76 6.27
CA THR D 130 6.59 25.45 6.41
C THR D 130 7.42 26.14 5.33
N SER D 131 8.60 26.63 5.74
CA SER D 131 9.52 27.34 4.89
C SER D 131 10.26 26.39 3.98
N ARG D 132 10.73 26.92 2.85
CA ARG D 132 11.56 26.18 1.90
C ARG D 132 12.78 25.52 2.55
N GLU D 133 13.50 26.30 3.38
CA GLU D 133 14.73 25.82 4.01
C GLU D 133 14.44 24.79 5.07
N GLY D 134 13.31 24.94 5.77
CA GLY D 134 12.84 23.90 6.66
C GLY D 134 12.70 22.57 5.91
N PHE D 135 11.96 22.62 4.82
CA PHE D 135 11.66 21.44 4.02
C PHE D 135 12.95 20.73 3.57
N LEU D 136 13.84 21.52 2.96
CA LEU D 136 15.05 21.00 2.35
C LEU D 136 16.01 20.48 3.40
N LEU D 137 16.06 21.18 4.53
CA LEU D 137 16.89 20.74 5.64
C LEU D 137 16.49 19.33 6.15
N ALA D 138 15.19 19.11 6.29
CA ALA D 138 14.64 17.84 6.74
C ALA D 138 14.98 16.72 5.78
N GLN D 139 14.72 16.93 4.50
CA GLN D 139 15.07 15.99 3.45
C GLN D 139 16.56 15.69 3.50
N ASP D 140 17.35 16.76 3.61
CA ASP D 140 18.81 16.70 3.65
C ASP D 140 19.32 15.74 4.72
N ILE D 141 18.87 15.90 5.95
CA ILE D 141 19.41 15.11 7.01
C ILE D 141 18.71 13.76 7.16
N SER D 142 17.39 13.72 6.95
CA SER D 142 16.63 12.51 7.29
C SER D 142 16.56 11.50 6.14
N SER D 143 16.81 11.98 4.92
CA SER D 143 16.61 11.16 3.72
C SER D 143 17.86 11.05 2.85
N TYR D 144 18.39 12.17 2.34
CA TYR D 144 19.59 12.11 1.51
C TYR D 144 20.80 11.51 2.22
N SER D 145 20.90 11.72 3.53
CA SER D 145 22.04 11.24 4.27
C SER D 145 22.22 9.77 4.07
N LEU D 146 21.11 9.02 4.04
CA LEU D 146 21.19 7.60 3.79
C LEU D 146 21.99 7.32 2.52
N THR D 147 21.80 8.18 1.52
CA THR D 147 22.35 8.00 0.19
C THR D 147 23.88 8.04 0.15
N ILE D 148 24.50 9.15 0.53
CA ILE D 148 25.96 9.18 0.60
C ILE D 148 26.47 8.14 1.60
N VAL D 149 25.77 7.98 2.70
CA VAL D 149 26.20 7.01 3.68
C VAL D 149 26.35 5.68 2.96
N ALA D 150 25.30 5.27 2.25
CA ALA D 150 25.36 4.02 1.50
C ALA D 150 26.57 4.00 0.52
N HIS D 151 26.70 5.04 -0.29
CA HIS D 151 27.73 5.14 -1.31
C HIS D 151 29.12 4.89 -0.75
N GLU D 152 29.39 5.48 0.42
CA GLU D 152 30.70 5.39 1.04
C GLU D 152 30.90 4.07 1.76
N ALA D 153 29.80 3.56 2.33
CA ALA D 153 29.81 2.30 3.06
C ALA D 153 30.08 1.17 2.11
N LYS D 154 29.48 1.27 0.93
CA LYS D 154 29.69 0.33 -0.17
C LYS D 154 31.17 0.03 -0.38
N LYS D 155 32.00 1.06 -0.21
CA LYS D 155 33.44 0.93 -0.36
C LYS D 155 34.04 -0.04 0.65
N LEU D 156 33.35 -0.24 1.76
CA LEU D 156 33.85 -1.10 2.82
C LEU D 156 33.15 -2.46 2.85
N MET D 157 32.41 -2.73 1.79
CA MET D 157 31.60 -3.95 1.67
C MET D 157 31.85 -4.71 0.34
N PRO D 158 33.05 -5.31 0.19
CA PRO D 158 33.39 -5.96 -1.08
C PRO D 158 32.47 -7.14 -1.44
N GLU D 159 32.10 -7.94 -0.45
CA GLU D 159 31.30 -9.15 -0.68
C GLU D 159 29.88 -8.99 -0.13
N GLY D 160 29.36 -7.78 -0.21
CA GLY D 160 27.99 -7.51 0.21
C GLY D 160 27.86 -7.13 1.67
N GLY D 161 26.61 -6.93 2.10
CA GLY D 161 26.32 -6.45 3.43
C GLY D 161 24.87 -6.01 3.54
N SER D 162 24.57 -5.26 4.60
CA SER D 162 23.18 -4.90 4.94
C SER D 162 23.08 -3.50 5.56
N ILE D 163 22.22 -2.66 4.98
CA ILE D 163 21.97 -1.30 5.47
C ILE D 163 20.54 -1.19 5.94
N VAL D 164 20.35 -0.62 7.14
CA VAL D 164 19.03 -0.43 7.76
C VAL D 164 18.82 1.01 8.23
N ALA D 165 17.69 1.63 7.87
CA ALA D 165 17.37 2.98 8.31
C ALA D 165 16.06 2.98 9.11
N THR D 166 15.82 4.01 9.90
CA THR D 166 14.67 3.98 10.78
C THR D 166 13.63 4.97 10.29
N THR D 167 12.40 4.50 10.11
CA THR D 167 11.34 5.39 9.77
C THR D 167 10.18 5.37 10.78
N TYR D 168 9.11 6.09 10.46
CA TYR D 168 7.94 6.14 11.26
C TYR D 168 6.73 6.10 10.32
N LEU D 169 5.65 5.54 10.82
CA LEU D 169 4.39 5.43 10.12
C LEU D 169 3.95 6.74 9.45
N GLY D 170 4.46 7.85 9.94
CA GLY D 170 4.04 9.15 9.49
C GLY D 170 4.56 9.38 8.11
N GLY D 171 5.45 8.52 7.66
CA GLY D 171 5.89 8.54 6.28
C GLY D 171 4.92 7.94 5.27
N GLU D 172 3.98 7.13 5.73
CA GLU D 172 3.00 6.46 4.86
C GLU D 172 1.62 7.09 4.94
N PHE D 173 1.31 7.75 6.07
CA PHE D 173 0.03 8.43 6.30
C PHE D 173 0.24 9.82 6.93
N ALA D 174 -0.65 10.77 6.61
CA ALA D 174 -0.62 12.03 7.33
C ALA D 174 -0.95 11.84 8.84
N VAL D 175 -0.02 12.23 9.71
CA VAL D 175 -0.17 12.11 11.18
C VAL D 175 -0.23 13.55 11.70
N GLN D 176 -0.80 13.79 12.87
CA GLN D 176 -1.22 15.15 13.19
C GLN D 176 -0.14 16.17 13.61
N ASN D 177 1.07 15.75 13.94
CA ASN D 177 2.06 16.83 14.24
C ASN D 177 3.41 16.63 13.59
N TYR D 178 3.46 15.74 12.63
CA TYR D 178 4.69 15.24 12.14
C TYR D 178 5.13 16.06 10.93
N ASN D 179 4.15 16.61 10.19
CA ASN D 179 4.36 17.55 9.08
C ASN D 179 5.61 17.30 8.24
N VAL D 180 6.53 18.25 8.16
CA VAL D 180 7.74 18.14 7.35
C VAL D 180 8.52 16.83 7.52
N MET D 181 8.54 16.26 8.73
CA MET D 181 9.25 15.00 8.99
C MET D 181 8.52 13.86 8.34
N GLY D 182 7.20 13.95 8.29
CA GLY D 182 6.41 13.01 7.50
C GLY D 182 6.84 13.00 6.05
N VAL D 183 7.05 14.16 5.48
CA VAL D 183 7.48 14.21 4.10
C VAL D 183 8.92 13.73 3.95
N ALA D 184 9.72 13.84 4.99
CA ALA D 184 11.08 13.34 4.87
C ALA D 184 11.10 11.81 5.02
N LYS D 185 10.19 11.26 5.82
CA LYS D 185 10.09 9.83 5.92
C LYS D 185 9.60 9.17 4.62
N ALA D 186 8.60 9.77 3.97
CA ALA D 186 8.13 9.25 2.70
C ALA D 186 9.32 9.18 1.70
N SER D 187 10.17 10.19 1.79
CA SER D 187 11.34 10.34 0.99
C SER D 187 12.39 9.29 1.34
N LEU D 188 12.60 9.08 2.66
CA LEU D 188 13.47 8.02 3.15
C LEU D 188 13.03 6.67 2.66
N GLU D 189 11.75 6.36 2.81
CA GLU D 189 11.23 5.06 2.39
C GLU D 189 11.54 4.75 0.96
N ALA D 190 11.31 5.71 0.04
CA ALA D 190 11.60 5.53 -1.36
C ALA D 190 13.08 5.37 -1.64
N ASN D 191 13.90 6.14 -0.90
CA ASN D 191 15.35 6.07 -0.93
C ASN D 191 15.81 4.65 -0.62
N VAL D 192 15.16 4.02 0.35
CA VAL D 192 15.46 2.62 0.68
C VAL D 192 15.19 1.70 -0.50
N LYS D 193 14.02 1.84 -1.12
CA LYS D 193 13.70 1.09 -2.32
C LYS D 193 14.68 1.32 -3.46
N TYR D 194 14.95 2.58 -3.82
CA TYR D 194 15.89 2.88 -4.89
C TYR D 194 17.32 2.42 -4.60
N LEU D 195 17.74 2.41 -3.34
CA LEU D 195 19.06 1.88 -3.03
C LEU D 195 19.14 0.36 -3.05
N ALA D 196 18.09 -0.32 -2.60
CA ALA D 196 17.98 -1.78 -2.76
C ALA D 196 18.19 -2.20 -4.20
N LEU D 197 17.51 -1.51 -5.11
CA LEU D 197 17.58 -1.81 -6.55
C LEU D 197 18.98 -1.61 -7.11
N ASP D 198 19.62 -0.52 -6.72
CA ASP D 198 20.92 -0.15 -7.19
C ASP D 198 22.04 -0.98 -6.57
N LEU D 199 21.94 -1.26 -5.27
CA LEU D 199 23.01 -1.99 -4.59
C LEU D 199 22.75 -3.48 -4.47
N GLY D 200 21.62 -3.94 -4.99
CA GLY D 200 21.32 -5.36 -4.99
C GLY D 200 22.37 -6.20 -5.70
N PRO D 201 22.79 -5.75 -6.91
CA PRO D 201 23.78 -6.56 -7.63
C PRO D 201 25.13 -6.69 -6.91
N ASP D 202 25.41 -5.78 -5.98
CA ASP D 202 26.65 -5.87 -5.20
C ASP D 202 26.45 -6.65 -3.91
N ASN D 203 25.30 -7.32 -3.84
CA ASN D 203 24.90 -8.09 -2.65
C ASN D 203 24.75 -7.25 -1.38
N ILE D 204 24.29 -6.01 -1.54
CA ILE D 204 24.01 -5.15 -0.41
C ILE D 204 22.49 -4.92 -0.31
N ARG D 205 21.91 -5.35 0.81
CA ARG D 205 20.48 -5.23 1.05
C ARG D 205 20.17 -3.94 1.82
N VAL D 206 19.11 -3.25 1.42
CA VAL D 206 18.72 -1.98 2.05
C VAL D 206 17.29 -2.15 2.54
N ASN D 207 17.10 -1.94 3.85
CA ASN D 207 15.78 -2.09 4.50
C ASN D 207 15.48 -0.97 5.50
N ALA D 208 14.20 -0.82 5.85
CA ALA D 208 13.83 0.12 6.88
C ALA D 208 13.01 -0.57 8.00
N ILE D 209 13.13 -0.04 9.21
CA ILE D 209 12.26 -0.39 10.33
C ILE D 209 11.40 0.84 10.64
N SER D 210 10.08 0.63 10.60
CA SER D 210 9.11 1.67 10.94
C SER D 210 8.74 1.45 12.41
N ALA D 211 9.47 2.11 13.30
CA ALA D 211 9.25 1.99 14.74
C ALA D 211 7.97 2.73 15.20
N GLY D 212 7.35 2.23 16.27
CA GLY D 212 6.20 2.88 16.87
C GLY D 212 6.76 3.82 17.90
N PRO D 213 5.91 4.68 18.47
CA PRO D 213 6.51 5.74 19.25
C PRO D 213 7.25 5.18 20.45
N ILE D 214 8.41 5.74 20.73
CA ILE D 214 9.25 5.41 21.88
C ILE D 214 9.74 6.72 22.51
N ARG D 215 9.78 6.80 23.84
CA ARG D 215 10.24 8.02 24.51
C ARG D 215 11.75 8.20 24.45
N THR D 216 12.16 9.12 23.58
CA THR D 216 13.56 9.46 23.35
C THR D 216 13.77 10.96 23.36
N LEU D 217 15.01 11.39 23.19
CA LEU D 217 15.34 12.81 23.21
C LEU D 217 14.68 13.56 22.05
N SER D 218 14.63 12.97 20.88
CA SER D 218 14.04 13.66 19.75
C SER D 218 12.51 13.64 19.80
N ALA D 219 11.99 12.65 20.55
CA ALA D 219 10.56 12.45 20.70
C ALA D 219 9.88 13.70 21.23
N LYS D 220 10.63 14.45 22.04
CA LYS D 220 10.13 15.70 22.66
C LYS D 220 9.81 16.84 21.67
N GLY D 221 10.46 16.84 20.52
CA GLY D 221 10.11 17.77 19.46
C GLY D 221 8.74 17.54 18.85
N VAL D 222 8.27 16.29 18.83
CA VAL D 222 6.97 15.96 18.21
C VAL D 222 5.77 16.24 19.13
N GLY D 223 4.96 17.25 18.79
CA GLY D 223 3.76 17.52 19.54
C GLY D 223 2.79 16.35 19.67
N GLY D 224 2.01 16.34 20.74
CA GLY D 224 0.94 15.36 20.98
C GLY D 224 1.48 13.96 21.28
N PHE D 225 2.80 13.84 21.33
CA PHE D 225 3.46 12.57 21.58
C PHE D 225 2.85 11.70 22.72
N ASN D 226 2.33 12.33 23.76
CA ASN D 226 1.63 11.58 24.81
C ASN D 226 0.38 10.88 24.34
N THR D 227 -0.50 11.59 23.65
CA THR D 227 -1.73 10.97 23.17
C THR D 227 -1.48 9.91 22.05
N ILE D 228 -0.39 10.08 21.30
CA ILE D 228 0.10 9.05 20.39
C ILE D 228 0.41 7.78 21.16
N LEU D 229 1.29 7.88 22.16
CA LEU D 229 1.63 6.78 23.06
C LEU D 229 0.45 5.99 23.56
N LYS D 230 -0.61 6.69 23.94
CA LYS D 230 -1.80 6.06 24.49
C LYS D 230 -2.71 5.43 23.46
N GLU D 231 -2.76 5.99 22.26
CA GLU D 231 -3.52 5.36 21.19
C GLU D 231 -2.95 3.94 20.86
N ILE D 232 -1.63 3.81 20.85
CA ILE D 232 -1.00 2.52 20.74
C ILE D 232 -1.55 1.58 21.81
N GLU D 233 -1.45 1.94 23.07
CA GLU D 233 -1.91 1.07 24.17
C GLU D 233 -3.38 0.68 24.05
N GLU D 234 -4.17 1.54 23.43
CA GLU D 234 -5.61 1.35 23.41
C GLU D 234 -6.13 0.68 22.17
N ARG D 235 -5.50 0.94 21.03
CA ARG D 235 -6.07 0.55 19.78
C ARG D 235 -5.19 -0.43 18.99
N ALA D 236 -3.91 -0.51 19.33
CA ALA D 236 -2.98 -1.41 18.63
C ALA D 236 -3.19 -2.84 19.05
N PRO D 237 -2.95 -3.79 18.16
CA PRO D 237 -3.29 -5.18 18.45
C PRO D 237 -2.67 -5.76 19.70
N LEU D 238 -1.39 -5.50 19.90
CA LEU D 238 -0.72 -5.98 21.11
C LEU D 238 -1.09 -5.19 22.36
N LYS D 239 -1.75 -4.03 22.17
CA LYS D 239 -2.24 -3.23 23.28
C LYS D 239 -1.13 -2.76 24.26
N ARG D 240 0.04 -2.49 23.71
CA ARG D 240 1.20 -1.99 24.45
C ARG D 240 2.22 -1.34 23.50
N ASN D 241 3.01 -0.41 24.02
CA ASN D 241 4.08 0.24 23.26
C ASN D 241 5.33 -0.61 23.15
N VAL D 242 6.11 -0.34 22.12
CA VAL D 242 7.35 -1.07 21.91
C VAL D 242 8.47 -0.35 22.60
N ASP D 243 9.68 -0.88 22.54
CA ASP D 243 10.82 -0.14 23.06
C ASP D 243 12.08 -0.32 22.25
N GLN D 244 13.15 0.37 22.64
CA GLN D 244 14.39 0.40 21.86
C GLN D 244 14.98 -0.98 21.63
N VAL D 245 14.95 -1.82 22.67
CA VAL D 245 15.45 -3.18 22.57
C VAL D 245 14.62 -3.96 21.55
N GLU D 246 13.30 -3.79 21.56
CA GLU D 246 12.48 -4.46 20.55
C GLU D 246 12.85 -4.05 19.14
N VAL D 247 13.11 -2.76 18.92
CA VAL D 247 13.54 -2.31 17.57
C VAL D 247 14.89 -2.95 17.29
N GLY D 248 15.71 -3.06 18.33
CA GLY D 248 17.04 -3.60 18.19
C GLY D 248 17.04 -5.01 17.69
N LYS D 249 16.08 -5.82 18.15
CA LYS D 249 16.05 -7.25 17.80
C LYS D 249 15.69 -7.49 16.35
N THR D 250 14.83 -6.63 15.80
CA THR D 250 14.53 -6.64 14.37
C THR D 250 15.71 -6.16 13.53
N ALA D 251 16.37 -5.09 13.94
CA ALA D 251 17.65 -4.71 13.32
C ALA D 251 18.69 -5.86 13.30
N ALA D 252 18.79 -6.63 14.38
CA ALA D 252 19.66 -7.80 14.38
C ALA D 252 19.27 -8.78 13.25
N TYR D 253 17.96 -8.93 13.04
CA TYR D 253 17.50 -9.80 11.99
C TYR D 253 17.89 -9.23 10.62
N LEU D 254 17.56 -7.96 10.38
CA LEU D 254 17.82 -7.30 9.09
C LEU D 254 19.31 -7.25 8.72
N LEU D 255 20.16 -7.16 9.73
CA LEU D 255 21.57 -7.01 9.52
C LEU D 255 22.28 -8.34 9.38
N SER D 256 21.66 -9.42 9.82
CA SER D 256 22.32 -10.73 9.75
C SER D 256 21.86 -11.50 8.52
N ASP D 257 22.35 -12.74 8.36
CA ASP D 257 22.01 -13.57 7.18
C ASP D 257 20.60 -14.19 7.28
N LEU D 258 19.98 -14.13 8.46
CA LEU D 258 18.58 -14.53 8.61
C LEU D 258 17.62 -13.82 7.65
N SER D 259 18.04 -12.70 7.09
CA SER D 259 17.19 -11.94 6.21
C SER D 259 17.74 -11.89 4.80
N SER D 260 18.54 -12.87 4.43
CA SER D 260 19.25 -12.81 3.15
C SER D 260 18.31 -12.64 1.96
N GLY D 261 17.09 -13.13 2.07
CA GLY D 261 16.15 -12.99 0.97
C GLY D 261 15.49 -11.61 0.94
N VAL D 262 15.82 -10.76 1.92
CA VAL D 262 15.03 -9.57 2.20
C VAL D 262 15.74 -8.22 1.94
N THR D 263 15.19 -7.50 0.97
CA THR D 263 15.67 -6.18 0.69
C THR D 263 14.51 -5.36 0.16
N GLY D 264 14.64 -4.05 0.20
CA GLY D 264 13.57 -3.17 -0.30
C GLY D 264 12.37 -3.05 0.65
N GLU D 265 12.46 -3.70 1.80
CA GLU D 265 11.34 -3.93 2.69
C GLU D 265 11.24 -2.88 3.77
N ASN D 266 10.04 -2.76 4.35
CA ASN D 266 9.76 -1.85 5.46
C ASN D 266 9.06 -2.61 6.61
N ILE D 267 9.81 -2.96 7.67
CA ILE D 267 9.25 -3.81 8.70
C ILE D 267 8.75 -3.02 9.89
N HIS D 268 7.44 -3.12 10.17
CA HIS D 268 6.84 -2.29 11.22
C HIS D 268 7.05 -2.91 12.58
N VAL D 269 7.82 -2.25 13.43
CA VAL D 269 7.94 -2.76 14.78
C VAL D 269 7.11 -1.82 15.58
N ASP D 270 5.79 -2.09 15.62
CA ASP D 270 4.84 -1.11 16.18
C ASP D 270 3.58 -1.73 16.78
N SER D 271 3.70 -2.95 17.31
CA SER D 271 2.60 -3.59 18.03
C SER D 271 1.36 -3.79 17.19
N GLY D 272 1.54 -3.74 15.88
CA GLY D 272 0.48 -3.97 14.94
C GLY D 272 -0.33 -2.75 14.60
N PHE D 273 0.11 -1.57 15.03
CA PHE D 273 -0.66 -0.35 14.79
C PHE D 273 -0.87 -0.06 13.31
N HIS D 274 0.18 -0.26 12.49
CA HIS D 274 0.12 -0.04 11.06
C HIS D 274 -0.98 -0.82 10.35
N ALA D 275 -1.49 -1.87 11.01
CA ALA D 275 -2.41 -2.80 10.33
C ALA D 275 -3.88 -2.47 10.63
N ILE D 276 -4.11 -1.60 11.61
CA ILE D 276 -5.48 -1.30 12.01
C ILE D 276 -5.89 0.13 11.57
N LYS D 277 -7.18 0.46 11.64
CA LYS D 277 -7.65 1.81 11.23
C LYS D 277 -9.07 2.15 11.68
#